data_7VCM
#
_entry.id   7VCM
#
_cell.length_a   46.827
_cell.length_b   49.319
_cell.length_c   83.683
_cell.angle_alpha   89.960
_cell.angle_beta   89.970
_cell.angle_gamma   80.950
#
_symmetry.space_group_name_H-M   'P 1'
#
loop_
_entity.id
_entity.type
_entity.pdbx_description
1 polymer 'Green fluorescent protein,Potassium binding protein Kbp,Green fluorescent protein'
2 non-polymer 'POTASSIUM ION'
3 water water
#
_entity_poly.entity_id   1
_entity_poly.type   'polypeptide(L)'
_entity_poly.pdbx_seq_one_letter_code
;MVSKGEELFTGVVPILVELDGDVNGHKFSVSGEGEGDATYGKLTLKFICTTGKLPVPWPTLVTTL(CRO)VQCFSRYPDH
MKQHDFFKSAMPEGYIQERTIFFKDDGNYKTRAEVKFEGDTLVNRIELKGIDFKEDGNILGHKLEYNLPDGLFNFVKDAG
EKLWDAVTGQHDKDDQAKKVQEHLNKTGIPDADKVNIQIADGKATVTGDGLSQEAKEKILVAVGNISGIASVDDQVKTAT
PATASQFYTVKSGDTLSAISKQVYGNANLYNKIFEANKPMLKSPDKIYPGQVLRIPEELENVYIKADKQKNGIKANFKIR
HNIEDGGVQLAYHYQQNTPIGDGPVLLPDNHYLSVQSKLSKDPNEKRDHMVLLEFVTAAGITLGMDELYK
;
_entity_poly.pdbx_strand_id   A,B
#
loop_
_chem_comp.id
_chem_comp.type
_chem_comp.name
_chem_comp.formula
K non-polymer 'POTASSIUM ION' 'K 1'
#
# COMPACT_ATOMS: atom_id res chain seq x y z
N SER A 3 -30.71 -5.14 8.79
CA SER A 3 -29.62 -5.05 7.81
C SER A 3 -28.42 -5.82 8.29
N LYS A 4 -28.68 -7.06 8.70
CA LYS A 4 -27.63 -7.94 9.18
C LYS A 4 -26.58 -8.21 8.09
N GLY A 5 -27.02 -8.48 6.89
CA GLY A 5 -26.13 -9.10 5.92
C GLY A 5 -24.89 -8.31 5.59
N GLU A 6 -24.94 -6.98 5.76
CA GLU A 6 -23.71 -6.23 5.53
C GLU A 6 -22.54 -6.65 6.40
N GLU A 7 -22.77 -7.31 7.55
CA GLU A 7 -21.62 -7.67 8.39
C GLU A 7 -20.67 -8.58 7.62
N LEU A 8 -21.22 -9.49 6.82
CA LEU A 8 -20.49 -10.52 6.11
C LEU A 8 -19.53 -9.97 5.06
N PHE A 9 -19.62 -8.68 4.73
CA PHE A 9 -18.85 -8.12 3.62
C PHE A 9 -17.85 -7.06 4.07
N THR A 10 -17.63 -6.91 5.38
CA THR A 10 -16.77 -5.85 5.87
C THR A 10 -15.31 -6.10 5.51
N GLY A 11 -14.94 -7.35 5.19
CA GLY A 11 -13.59 -7.65 4.77
C GLY A 11 -13.51 -8.44 3.47
N VAL A 12 -12.34 -9.02 3.21
CA VAL A 12 -12.15 -9.81 2.00
C VAL A 12 -12.87 -11.15 2.13
N VAL A 13 -13.58 -11.53 1.08
CA VAL A 13 -14.45 -12.71 1.08
C VAL A 13 -14.10 -13.60 -0.11
N PRO A 14 -13.85 -14.88 0.08
CA PRO A 14 -13.52 -15.75 -1.06
C PRO A 14 -14.78 -16.04 -1.88
N ILE A 15 -14.57 -16.24 -3.18
CA ILE A 15 -15.65 -16.42 -4.14
C ILE A 15 -15.45 -17.72 -4.91
N LEU A 16 -16.52 -18.48 -5.06
CA LEU A 16 -16.59 -19.58 -6.00
C LEU A 16 -17.66 -19.28 -7.04
N VAL A 17 -17.31 -19.46 -8.31
CA VAL A 17 -18.25 -19.29 -9.42
C VAL A 17 -18.26 -20.58 -10.24
N GLU A 18 -19.45 -21.04 -10.58
CA GLU A 18 -19.61 -22.22 -11.42
C GLU A 18 -20.70 -21.94 -12.43
N LEU A 19 -20.38 -22.13 -13.71
CA LEU A 19 -21.33 -21.90 -14.78
C LEU A 19 -21.38 -23.14 -15.66
N ASP A 20 -22.59 -23.58 -15.97
CA ASP A 20 -22.82 -24.62 -16.98
C ASP A 20 -23.59 -23.96 -18.11
N GLY A 21 -23.03 -23.97 -19.30
CA GLY A 21 -23.59 -23.23 -20.41
C GLY A 21 -23.74 -24.11 -21.64
N ASP A 22 -24.78 -23.81 -22.43
CA ASP A 22 -24.95 -24.44 -23.72
C ASP A 22 -25.44 -23.32 -24.64
N VAL A 23 -24.64 -22.94 -25.62
CA VAL A 23 -24.97 -21.87 -26.58
C VAL A 23 -25.06 -22.50 -27.96
N ASN A 24 -26.29 -22.63 -28.46
CA ASN A 24 -26.53 -23.22 -29.78
C ASN A 24 -26.03 -24.66 -29.82
N GLY A 25 -26.28 -25.39 -28.73
CA GLY A 25 -25.83 -26.76 -28.60
C GLY A 25 -24.36 -26.94 -28.28
N HIS A 26 -23.61 -25.85 -28.14
CA HIS A 26 -22.18 -25.95 -27.80
C HIS A 26 -22.04 -25.86 -26.28
N LYS A 27 -21.90 -27.01 -25.63
CA LYS A 27 -21.89 -27.04 -24.17
C LYS A 27 -20.49 -26.75 -23.64
N PHE A 28 -20.45 -26.14 -22.46
CA PHE A 28 -19.19 -25.76 -21.85
C PHE A 28 -19.41 -25.54 -20.36
N SER A 29 -18.32 -25.52 -19.61
CA SER A 29 -18.38 -25.23 -18.18
C SER A 29 -17.24 -24.29 -17.83
N VAL A 30 -17.50 -23.44 -16.84
CA VAL A 30 -16.52 -22.48 -16.35
C VAL A 30 -16.48 -22.57 -14.84
N SER A 31 -15.27 -22.55 -14.27
CA SER A 31 -15.07 -22.45 -12.84
C SER A 31 -14.33 -21.15 -12.55
N GLY A 32 -14.69 -20.49 -11.46
CA GLY A 32 -14.03 -19.27 -11.06
C GLY A 32 -13.60 -19.31 -9.61
N GLU A 33 -12.41 -18.74 -9.35
CA GLU A 33 -11.85 -18.64 -8.02
C GLU A 33 -11.32 -17.22 -7.82
N GLY A 34 -11.38 -16.76 -6.59
CA GLY A 34 -10.87 -15.45 -6.23
C GLY A 34 -11.62 -14.89 -5.04
N GLU A 35 -11.77 -13.57 -5.01
CA GLU A 35 -12.24 -12.91 -3.80
C GLU A 35 -12.79 -11.54 -4.14
N GLY A 36 -13.60 -11.03 -3.22
CA GLY A 36 -14.16 -9.69 -3.36
C GLY A 36 -14.06 -8.92 -2.07
N ASP A 37 -14.04 -7.60 -2.20
CA ASP A 37 -13.84 -6.67 -1.10
C ASP A 37 -14.88 -5.56 -1.27
N ALA A 38 -16.06 -5.73 -0.64
CA ALA A 38 -17.17 -4.83 -0.97
C ALA A 38 -16.93 -3.42 -0.44
N THR A 39 -16.11 -3.28 0.62
CA THR A 39 -15.76 -1.95 1.09
C THR A 39 -15.09 -1.14 -0.01
N TYR A 40 -14.44 -1.82 -0.95
CA TYR A 40 -13.85 -1.12 -2.09
C TYR A 40 -14.53 -1.48 -3.40
N GLY A 41 -15.67 -2.16 -3.35
CA GLY A 41 -16.37 -2.57 -4.56
C GLY A 41 -15.48 -3.38 -5.51
N LYS A 42 -14.52 -4.13 -4.99
CA LYS A 42 -13.44 -4.66 -5.81
C LYS A 42 -13.55 -6.18 -5.93
N LEU A 43 -13.38 -6.68 -7.16
CA LEU A 43 -13.40 -8.11 -7.45
C LEU A 43 -12.11 -8.53 -8.14
N THR A 44 -11.51 -9.61 -7.65
CA THR A 44 -10.33 -10.20 -8.26
C THR A 44 -10.61 -11.68 -8.48
N LEU A 45 -10.76 -12.07 -9.73
CA LEU A 45 -11.26 -13.41 -10.07
C LEU A 45 -10.53 -13.92 -11.30
N LYS A 46 -10.32 -15.23 -11.32
CA LYS A 46 -9.79 -15.91 -12.50
C LYS A 46 -10.72 -17.05 -12.86
N PHE A 47 -11.05 -17.13 -14.14
CA PHE A 47 -12.01 -18.11 -14.66
C PHE A 47 -11.29 -19.02 -15.63
N ILE A 48 -11.65 -20.29 -15.62
CA ILE A 48 -11.06 -21.31 -16.47
C ILE A 48 -12.17 -22.04 -17.18
N CYS A 49 -12.04 -22.23 -18.49
CA CYS A 49 -12.96 -23.12 -19.19
C CYS A 49 -12.52 -24.56 -18.91
N THR A 50 -13.33 -25.30 -18.15
CA THR A 50 -12.92 -26.61 -17.68
C THR A 50 -13.17 -27.72 -18.70
N THR A 51 -13.97 -27.43 -19.73
CA THR A 51 -14.31 -28.41 -20.76
C THR A 51 -13.45 -28.29 -22.01
N GLY A 52 -12.51 -27.34 -22.05
CA GLY A 52 -11.70 -27.14 -23.23
C GLY A 52 -11.60 -25.69 -23.65
N LYS A 53 -11.92 -25.40 -24.91
CA LYS A 53 -11.98 -24.04 -25.40
C LYS A 53 -13.40 -23.48 -25.26
N LEU A 54 -13.49 -22.23 -24.86
CA LEU A 54 -14.78 -21.58 -24.69
C LEU A 54 -15.39 -21.27 -26.06
N PRO A 55 -16.63 -21.67 -26.32
CA PRO A 55 -17.19 -21.48 -27.66
C PRO A 55 -17.74 -20.08 -27.91
N VAL A 56 -17.74 -19.21 -26.89
CA VAL A 56 -18.17 -17.83 -27.03
C VAL A 56 -17.07 -16.93 -26.50
N PRO A 57 -17.08 -15.65 -26.86
CA PRO A 57 -16.08 -14.73 -26.31
C PRO A 57 -16.22 -14.57 -24.81
N TRP A 58 -15.10 -14.64 -24.11
CA TRP A 58 -15.07 -14.37 -22.67
C TRP A 58 -15.80 -13.10 -22.31
N PRO A 59 -15.59 -11.96 -22.98
CA PRO A 59 -16.30 -10.73 -22.58
C PRO A 59 -17.81 -10.87 -22.51
N THR A 60 -18.40 -11.76 -23.32
CA THR A 60 -19.85 -11.86 -23.31
C THR A 60 -20.37 -12.54 -22.04
N LEU A 61 -19.49 -13.17 -21.27
CA LEU A 61 -19.87 -13.86 -20.05
C LEU A 61 -19.58 -13.05 -18.78
N VAL A 62 -18.91 -11.91 -18.88
CA VAL A 62 -18.51 -11.18 -17.68
C VAL A 62 -19.71 -10.86 -16.79
N THR A 63 -20.76 -10.25 -17.36
CA THR A 63 -21.89 -9.85 -16.54
C THR A 63 -22.54 -11.04 -15.86
N THR A 64 -22.52 -12.21 -16.50
CA THR A 64 -23.15 -13.39 -15.92
C THR A 64 -22.28 -13.99 -14.81
N LEU A 65 -20.98 -14.05 -15.03
CA LEU A 65 -20.04 -14.58 -14.06
C LEU A 65 -19.85 -13.65 -12.86
N1 CRO A 66 -19.83 -12.33 -13.04
CA1 CRO A 66 -19.73 -11.32 -12.03
CB1 CRO A 66 -18.41 -10.54 -12.15
CG1 CRO A 66 -17.28 -11.52 -11.90
OG1 CRO A 66 -18.29 -9.93 -13.42
C1 CRO A 66 -20.97 -10.40 -12.19
N2 CRO A 66 -20.95 -9.05 -12.75
N3 CRO A 66 -22.29 -10.79 -11.77
C2 CRO A 66 -23.19 -9.62 -12.10
O2 CRO A 66 -24.37 -9.56 -11.91
CA2 CRO A 66 -22.29 -8.53 -12.73
CA3 CRO A 66 -22.70 -12.09 -11.18
C3 CRO A 66 -22.89 -11.99 -9.65
O3 CRO A 66 -23.75 -12.69 -9.12
CB2 CRO A 66 -22.75 -7.36 -13.12
CG2 CRO A 66 -22.04 -6.46 -14.16
CD1 CRO A 66 -20.73 -6.67 -14.57
CD2 CRO A 66 -22.77 -5.41 -14.68
CE1 CRO A 66 -20.16 -5.81 -15.51
CE2 CRO A 66 -22.20 -4.55 -15.62
CZ CRO A 66 -20.89 -4.77 -16.03
OH CRO A 66 -20.31 -3.90 -16.98
N VAL A 67 -22.04 -11.14 -9.07
CA VAL A 67 -21.95 -11.13 -7.62
C VAL A 67 -22.00 -9.67 -7.15
N GLN A 68 -23.12 -9.01 -7.42
CA GLN A 68 -23.26 -7.58 -7.18
C GLN A 68 -23.37 -7.24 -5.69
N CYS A 69 -23.45 -8.25 -4.83
CA CYS A 69 -23.28 -8.02 -3.39
C CYS A 69 -21.91 -7.43 -3.05
N PHE A 70 -20.95 -7.48 -3.97
CA PHE A 70 -19.63 -6.87 -3.79
C PHE A 70 -19.53 -5.45 -4.31
N SER A 71 -20.64 -4.85 -4.75
CA SER A 71 -20.66 -3.44 -5.11
C SER A 71 -20.39 -2.59 -3.89
N ARG A 72 -19.65 -1.49 -4.08
CA ARG A 72 -19.46 -0.52 -3.01
C ARG A 72 -20.74 0.31 -2.88
N TYR A 73 -21.47 0.13 -1.79
CA TYR A 73 -22.59 1.01 -1.50
C TYR A 73 -22.18 2.04 -0.46
N PRO A 74 -21.93 3.30 -0.84
CA PRO A 74 -21.58 4.32 0.16
C PRO A 74 -22.63 4.47 1.24
N ASP A 75 -22.24 5.19 2.29
CA ASP A 75 -23.02 5.23 3.52
C ASP A 75 -24.46 5.66 3.29
N HIS A 76 -24.66 6.71 2.48
CA HIS A 76 -25.99 7.19 2.16
C HIS A 76 -26.78 6.22 1.28
N MET A 77 -26.11 5.24 0.67
CA MET A 77 -26.77 4.29 -0.21
C MET A 77 -27.09 2.96 0.46
N LYS A 78 -26.63 2.72 1.69
CA LYS A 78 -26.82 1.42 2.31
C LYS A 78 -28.30 1.05 2.46
N GLN A 79 -29.19 2.05 2.52
CA GLN A 79 -30.62 1.72 2.55
C GLN A 79 -31.03 0.95 1.30
N HIS A 80 -30.28 1.12 0.20
CA HIS A 80 -30.67 0.63 -1.11
C HIS A 80 -29.89 -0.62 -1.54
N ASP A 81 -29.16 -1.25 -0.64
CA ASP A 81 -28.32 -2.40 -1.01
C ASP A 81 -29.13 -3.68 -0.79
N PHE A 82 -29.92 -4.02 -1.81
CA PHE A 82 -30.68 -5.27 -1.76
C PHE A 82 -29.75 -6.47 -1.66
N PHE A 83 -28.61 -6.41 -2.36
CA PHE A 83 -27.80 -7.62 -2.57
C PHE A 83 -27.28 -8.19 -1.26
N LYS A 84 -26.71 -7.34 -0.41
CA LYS A 84 -26.20 -7.81 0.87
C LYS A 84 -27.33 -8.12 1.85
N SER A 85 -28.43 -7.36 1.79
CA SER A 85 -29.52 -7.58 2.73
C SER A 85 -30.11 -8.97 2.59
N ALA A 86 -29.94 -9.61 1.43
CA ALA A 86 -30.45 -10.95 1.22
C ALA A 86 -29.50 -12.03 1.72
N MET A 87 -28.25 -11.68 2.03
CA MET A 87 -27.26 -12.62 2.53
C MET A 87 -27.52 -12.93 4.01
N PRO A 88 -27.15 -14.13 4.47
CA PRO A 88 -26.43 -15.17 3.71
C PRO A 88 -27.28 -16.13 2.92
N GLU A 89 -28.60 -16.08 3.08
CA GLU A 89 -29.44 -17.04 2.37
C GLU A 89 -29.39 -16.81 0.87
N GLY A 90 -29.26 -15.56 0.43
CA GLY A 90 -28.88 -15.25 -0.93
C GLY A 90 -30.06 -14.81 -1.77
N TYR A 91 -29.83 -14.77 -3.08
CA TYR A 91 -30.87 -14.41 -4.03
C TYR A 91 -30.74 -15.22 -5.30
N ILE A 92 -31.84 -15.30 -6.04
CA ILE A 92 -31.85 -15.81 -7.41
C ILE A 92 -31.68 -14.63 -8.34
N GLN A 93 -30.81 -14.77 -9.33
CA GLN A 93 -30.56 -13.71 -10.30
C GLN A 93 -30.84 -14.30 -11.68
N GLU A 94 -31.77 -13.69 -12.39
CA GLU A 94 -32.14 -14.11 -13.74
C GLU A 94 -31.94 -12.95 -14.70
N ARG A 95 -31.47 -13.27 -15.89
CA ARG A 95 -31.33 -12.26 -16.93
C ARG A 95 -31.71 -12.85 -18.28
N THR A 96 -32.15 -11.96 -19.16
CA THR A 96 -32.09 -12.18 -20.60
C THR A 96 -31.11 -11.15 -21.17
N ILE A 97 -30.22 -11.59 -22.04
CA ILE A 97 -29.23 -10.73 -22.67
C ILE A 97 -29.47 -10.83 -24.18
N PHE A 98 -29.93 -9.74 -24.77
CA PHE A 98 -30.19 -9.68 -26.21
C PHE A 98 -28.98 -9.06 -26.91
N PHE A 99 -28.27 -9.87 -27.69
CA PHE A 99 -27.19 -9.34 -28.53
C PHE A 99 -27.78 -8.80 -29.83
N LYS A 100 -27.64 -7.50 -30.06
CA LYS A 100 -28.27 -6.86 -31.20
C LYS A 100 -27.86 -7.55 -32.49
N ASP A 101 -28.85 -7.88 -33.32
CA ASP A 101 -28.64 -8.54 -34.60
C ASP A 101 -28.00 -9.91 -34.45
N ASP A 102 -28.37 -10.63 -33.37
CA ASP A 102 -27.81 -11.95 -33.11
C ASP A 102 -28.63 -12.65 -32.04
N GLY A 103 -28.05 -13.66 -31.40
CA GLY A 103 -28.78 -14.48 -30.45
C GLY A 103 -28.95 -13.82 -29.10
N ASN A 104 -29.49 -14.59 -28.16
CA ASN A 104 -29.67 -14.13 -26.79
C ASN A 104 -29.22 -15.17 -25.78
N TYR A 105 -28.79 -14.69 -24.62
CA TYR A 105 -28.53 -15.55 -23.47
C TYR A 105 -29.68 -15.43 -22.47
N LYS A 106 -30.09 -16.55 -21.89
CA LYS A 106 -30.94 -16.55 -20.71
C LYS A 106 -30.18 -17.23 -19.58
N THR A 107 -30.17 -16.60 -18.41
CA THR A 107 -29.35 -17.06 -17.30
C THR A 107 -30.18 -17.14 -16.03
N ARG A 108 -29.89 -18.14 -15.22
CA ARG A 108 -30.44 -18.27 -13.87
C ARG A 108 -29.29 -18.63 -12.95
N ALA A 109 -29.13 -17.87 -11.87
CA ALA A 109 -28.02 -18.06 -10.96
C ALA A 109 -28.53 -18.02 -9.53
N GLU A 110 -27.85 -18.76 -8.67
CA GLU A 110 -28.05 -18.69 -7.24
C GLU A 110 -26.79 -18.08 -6.63
N VAL A 111 -26.97 -17.01 -5.85
CA VAL A 111 -25.87 -16.30 -5.22
C VAL A 111 -26.12 -16.35 -3.72
N LYS A 112 -25.18 -16.92 -2.97
CA LYS A 112 -25.44 -17.22 -1.57
C LYS A 112 -24.15 -17.62 -0.91
N PHE A 113 -24.12 -17.51 0.41
CA PHE A 113 -22.96 -18.00 1.16
C PHE A 113 -23.10 -19.52 1.36
N GLU A 114 -21.97 -20.22 1.28
CA GLU A 114 -21.85 -21.62 1.67
C GLU A 114 -20.61 -21.64 2.57
N GLY A 115 -20.82 -21.75 3.88
CA GLY A 115 -19.72 -21.50 4.78
C GLY A 115 -19.28 -20.05 4.69
N ASP A 116 -17.97 -19.84 4.67
CA ASP A 116 -17.40 -18.50 4.60
C ASP A 116 -17.25 -18.00 3.17
N THR A 117 -17.74 -18.75 2.19
CA THR A 117 -17.50 -18.45 0.78
C THR A 117 -18.80 -18.03 0.09
N LEU A 118 -18.72 -16.96 -0.69
CA LEU A 118 -19.84 -16.51 -1.51
C LEU A 118 -19.79 -17.25 -2.83
N VAL A 119 -20.85 -17.97 -3.14
CA VAL A 119 -20.90 -18.85 -4.31
C VAL A 119 -21.91 -18.30 -5.31
N ASN A 120 -21.54 -18.32 -6.59
CA ASN A 120 -22.42 -17.94 -7.68
C ASN A 120 -22.49 -19.14 -8.63
N ARG A 121 -23.62 -19.85 -8.60
CA ARG A 121 -23.85 -21.01 -9.46
C ARG A 121 -24.87 -20.66 -10.54
N ILE A 122 -24.49 -20.86 -11.79
CA ILE A 122 -25.20 -20.29 -12.92
C ILE A 122 -25.55 -21.36 -13.93
N GLU A 123 -26.76 -21.28 -14.49
CA GLU A 123 -27.13 -21.98 -15.71
C GLU A 123 -27.36 -20.97 -16.83
N LEU A 124 -26.75 -21.20 -17.99
CA LEU A 124 -26.87 -20.30 -19.13
C LEU A 124 -27.31 -21.09 -20.35
N LYS A 125 -28.31 -20.58 -21.06
CA LYS A 125 -28.72 -21.14 -22.35
C LYS A 125 -28.77 -20.04 -23.40
N GLY A 126 -27.94 -20.19 -24.45
CA GLY A 126 -27.90 -19.28 -25.60
C GLY A 126 -28.44 -19.96 -26.85
N ILE A 127 -29.31 -19.25 -27.58
CA ILE A 127 -29.94 -19.76 -28.79
C ILE A 127 -30.05 -18.66 -29.83
N ASP A 128 -30.22 -19.09 -31.09
CA ASP A 128 -30.50 -18.22 -32.23
C ASP A 128 -29.26 -17.45 -32.69
N PHE A 129 -28.07 -17.87 -32.30
CA PHE A 129 -26.86 -17.15 -32.69
C PHE A 129 -26.45 -17.58 -34.08
N LYS A 130 -25.82 -16.65 -34.80
CA LYS A 130 -25.34 -16.90 -36.15
C LYS A 130 -23.95 -17.50 -36.08
N GLU A 131 -23.78 -18.70 -36.64
CA GLU A 131 -22.56 -19.45 -36.45
C GLU A 131 -21.34 -18.75 -37.03
N ASP A 132 -21.54 -17.72 -37.84
CA ASP A 132 -20.47 -16.80 -38.23
C ASP A 132 -20.71 -15.40 -37.70
N GLY A 133 -21.64 -15.24 -36.76
CA GLY A 133 -21.88 -13.97 -36.09
C GLY A 133 -20.70 -13.50 -35.26
N ASN A 134 -20.87 -12.37 -34.57
CA ASN A 134 -19.77 -11.85 -33.75
C ASN A 134 -19.50 -12.73 -32.54
N ILE A 135 -20.51 -13.45 -32.05
CA ILE A 135 -20.34 -14.25 -30.85
C ILE A 135 -19.67 -15.58 -31.17
N LEU A 136 -20.37 -16.47 -31.87
CA LEU A 136 -19.81 -17.78 -32.21
C LEU A 136 -18.64 -17.67 -33.17
N GLY A 137 -18.52 -16.56 -33.90
CA GLY A 137 -17.39 -16.35 -34.77
C GLY A 137 -16.16 -15.78 -34.10
N HIS A 138 -16.24 -15.50 -32.80
CA HIS A 138 -15.10 -15.01 -32.03
C HIS A 138 -14.55 -13.72 -32.63
N LYS A 139 -15.45 -12.80 -32.97
CA LYS A 139 -15.09 -11.56 -33.62
C LYS A 139 -14.96 -10.41 -32.62
N LEU A 140 -15.23 -10.66 -31.35
CA LEU A 140 -15.15 -9.62 -30.33
C LEU A 140 -13.73 -9.56 -29.77
N GLU A 141 -13.24 -8.36 -29.57
CA GLU A 141 -11.92 -8.17 -28.96
C GLU A 141 -11.97 -8.62 -27.50
N TYR A 142 -10.90 -9.28 -27.05
CA TYR A 142 -10.89 -9.77 -25.67
C TYR A 142 -10.69 -8.61 -24.70
N ASN A 143 -9.68 -7.77 -24.95
CA ASN A 143 -9.41 -6.63 -24.10
C ASN A 143 -8.66 -5.59 -24.92
N LEU A 144 -8.42 -4.42 -24.33
CA LEU A 144 -7.63 -3.39 -24.98
C LEU A 144 -6.15 -3.67 -24.73
N PRO A 145 -5.36 -3.83 -25.77
CA PRO A 145 -3.90 -3.87 -25.60
C PRO A 145 -3.26 -3.01 -24.52
N ASP A 146 -2.39 -3.69 -23.73
CA ASP A 146 -1.58 -3.06 -22.67
C ASP A 146 -0.15 -2.73 -23.08
N GLY A 147 0.39 -1.74 -22.37
CA GLY A 147 1.82 -1.63 -22.17
C GLY A 147 2.59 -1.23 -23.39
N LEU A 148 2.43 -1.99 -24.46
CA LEU A 148 3.13 -1.72 -25.72
C LEU A 148 2.08 -1.41 -26.78
N PHE A 149 2.14 -0.19 -27.32
CA PHE A 149 1.20 0.28 -28.32
C PHE A 149 1.94 0.40 -29.65
N ASN A 150 1.33 -0.12 -30.71
CA ASN A 150 1.93 -0.10 -32.04
C ASN A 150 1.32 0.99 -32.89
N PHE A 151 2.16 1.64 -33.68
CA PHE A 151 1.77 2.71 -34.59
C PHE A 151 2.34 2.41 -35.97
N VAL A 152 1.66 2.91 -37.00
CA VAL A 152 2.18 2.84 -38.36
C VAL A 152 3.45 3.67 -38.38
N LYS A 153 4.60 3.02 -38.59
CA LYS A 153 5.87 3.63 -38.23
C LYS A 153 6.12 4.94 -38.96
N ASP A 154 5.86 4.97 -40.27
CA ASP A 154 6.11 6.17 -41.05
C ASP A 154 4.95 7.15 -41.09
N ALA A 155 3.85 6.89 -40.39
CA ALA A 155 2.82 7.90 -40.20
C ALA A 155 3.23 8.86 -39.09
N GLY A 156 2.80 10.11 -39.21
CA GLY A 156 2.90 11.05 -38.12
C GLY A 156 3.73 12.27 -38.48
N GLU A 157 3.96 13.10 -37.48
CA GLU A 157 4.70 14.36 -37.66
C GLU A 157 6.16 14.01 -37.95
N LYS A 158 6.72 14.69 -38.95
CA LYS A 158 8.10 14.48 -39.35
C LYS A 158 8.98 15.39 -38.48
N LEU A 159 9.73 14.80 -37.55
CA LEU A 159 10.61 15.58 -36.69
C LEU A 159 12.07 15.39 -37.04
N TRP A 160 12.40 14.44 -37.91
CA TRP A 160 13.77 14.25 -38.34
C TRP A 160 13.72 13.42 -39.62
N ASP A 161 14.76 13.55 -40.46
CA ASP A 161 14.85 12.73 -41.66
C ASP A 161 15.53 11.41 -41.31
N ALA A 162 15.62 10.53 -42.29
CA ALA A 162 16.20 9.21 -42.12
C ALA A 162 17.61 9.10 -42.70
N ASP A 170 19.31 10.18 -28.16
CA ASP A 170 18.81 11.18 -27.21
C ASP A 170 18.59 12.51 -27.89
N ASP A 171 19.10 12.65 -29.12
CA ASP A 171 18.71 13.82 -29.90
C ASP A 171 17.34 13.57 -30.52
N GLN A 172 17.01 12.31 -30.79
CA GLN A 172 15.67 11.96 -31.26
C GLN A 172 14.66 12.12 -30.13
N ALA A 173 14.96 11.59 -28.94
CA ALA A 173 14.05 11.71 -27.81
C ALA A 173 13.91 13.17 -27.41
N LYS A 174 14.97 13.96 -27.62
CA LYS A 174 14.94 15.39 -27.37
C LYS A 174 14.01 16.10 -28.33
N LYS A 175 14.03 15.70 -29.60
CA LYS A 175 13.13 16.32 -30.57
C LYS A 175 11.69 15.99 -30.22
N VAL A 176 11.44 14.76 -29.77
CA VAL A 176 10.09 14.36 -29.37
C VAL A 176 9.60 15.23 -28.22
N GLN A 177 10.38 15.31 -27.13
CA GLN A 177 9.96 16.07 -25.97
C GLN A 177 9.70 17.53 -26.33
N GLU A 178 10.48 18.08 -27.25
CA GLU A 178 10.24 19.46 -27.67
C GLU A 178 8.94 19.56 -28.44
N HIS A 179 8.60 18.51 -29.20
CA HIS A 179 7.33 18.49 -29.92
C HIS A 179 6.16 18.43 -28.95
N LEU A 180 6.22 17.51 -27.98
CA LEU A 180 5.15 17.41 -26.99
C LEU A 180 4.93 18.76 -26.31
N ASN A 181 6.01 19.44 -25.95
CA ASN A 181 5.93 20.73 -25.29
C ASN A 181 5.35 21.79 -26.23
N LYS A 182 5.88 21.87 -27.44
CA LYS A 182 5.49 22.93 -28.37
C LYS A 182 4.02 22.81 -28.78
N THR A 183 3.49 21.60 -28.87
CA THR A 183 2.12 21.40 -29.27
C THR A 183 1.14 21.48 -28.10
N GLY A 184 1.63 21.63 -26.88
CA GLY A 184 0.75 21.88 -25.76
C GLY A 184 0.23 20.67 -25.03
N ILE A 185 0.86 19.51 -25.17
CA ILE A 185 0.34 18.29 -24.58
C ILE A 185 0.44 18.43 -23.07
N PRO A 186 -0.69 18.36 -22.35
CA PRO A 186 -0.63 18.55 -20.89
C PRO A 186 0.28 17.53 -20.22
N ASP A 187 1.02 18.01 -19.22
CA ASP A 187 1.90 17.17 -18.41
C ASP A 187 3.07 16.58 -19.19
N ALA A 188 3.43 17.21 -20.31
CA ALA A 188 4.61 16.75 -21.05
C ALA A 188 5.86 16.91 -20.21
N ASP A 189 5.82 17.83 -19.24
CA ASP A 189 6.95 18.11 -18.37
C ASP A 189 7.04 17.14 -17.20
N LYS A 190 6.20 16.12 -17.16
CA LYS A 190 6.26 15.10 -16.12
C LYS A 190 6.67 13.72 -16.64
N VAL A 191 7.08 13.61 -17.91
CA VAL A 191 7.52 12.34 -18.46
C VAL A 191 8.91 12.47 -19.04
N ASN A 192 9.57 11.32 -19.17
CA ASN A 192 10.87 11.21 -19.82
C ASN A 192 10.77 10.30 -21.02
N ILE A 193 11.33 10.74 -22.15
CA ILE A 193 11.23 10.05 -23.43
C ILE A 193 12.56 9.39 -23.73
N GLN A 194 12.52 8.13 -24.17
CA GLN A 194 13.69 7.46 -24.71
C GLN A 194 13.34 6.84 -26.05
N ILE A 195 14.19 7.06 -27.05
CA ILE A 195 13.94 6.59 -28.42
C ILE A 195 15.01 5.60 -28.82
N ALA A 196 14.62 4.35 -29.05
CA ALA A 196 15.53 3.28 -29.44
C ALA A 196 15.04 2.62 -30.73
N ASP A 197 15.45 3.16 -31.87
CA ASP A 197 15.21 2.56 -33.18
C ASP A 197 13.72 2.27 -33.39
N GLY A 198 12.96 3.36 -33.49
CA GLY A 198 11.53 3.25 -33.71
C GLY A 198 10.75 2.85 -32.48
N LYS A 199 11.40 2.56 -31.36
CA LYS A 199 10.71 2.27 -30.11
C LYS A 199 10.96 3.42 -29.13
N ALA A 200 9.87 4.01 -28.68
CA ALA A 200 9.87 5.02 -27.63
C ALA A 200 9.42 4.41 -26.31
N THR A 201 10.10 4.82 -25.24
CA THR A 201 9.74 4.44 -23.89
C THR A 201 9.37 5.72 -23.14
N VAL A 202 8.18 5.73 -22.54
CA VAL A 202 7.69 6.92 -21.84
C VAL A 202 7.54 6.55 -20.37
N THR A 203 8.23 7.28 -19.50
CA THR A 203 8.29 7.01 -18.07
C THR A 203 7.79 8.23 -17.32
N GLY A 204 6.93 8.00 -16.33
CA GLY A 204 6.38 9.11 -15.58
C GLY A 204 5.51 8.61 -14.44
N ASP A 205 5.11 9.57 -13.59
CA ASP A 205 4.45 9.28 -12.33
C ASP A 205 3.36 10.30 -12.09
N GLY A 206 2.21 9.84 -11.62
CA GLY A 206 1.18 10.74 -11.13
C GLY A 206 0.47 11.55 -12.19
N LEU A 207 0.16 10.92 -13.32
CA LEU A 207 -0.63 11.55 -14.36
C LEU A 207 -2.05 10.97 -14.35
N SER A 208 -2.98 11.71 -14.94
CA SER A 208 -4.29 11.14 -15.16
C SER A 208 -4.23 10.09 -16.27
N GLN A 209 -5.21 9.18 -16.27
CA GLN A 209 -5.33 8.24 -17.37
C GLN A 209 -5.42 9.00 -18.69
N GLU A 210 -6.22 10.07 -18.72
CA GLU A 210 -6.39 10.86 -19.94
C GLU A 210 -5.10 11.56 -20.35
N ALA A 211 -4.41 12.18 -19.39
CA ALA A 211 -3.19 12.89 -19.74
C ALA A 211 -2.13 11.93 -20.25
N LYS A 212 -2.00 10.76 -19.59
CA LYS A 212 -1.11 9.72 -20.07
C LYS A 212 -1.42 9.34 -21.51
N GLU A 213 -2.68 8.99 -21.80
CA GLU A 213 -3.05 8.56 -23.14
C GLU A 213 -2.72 9.61 -24.20
N LYS A 214 -3.00 10.89 -23.92
CA LYS A 214 -2.66 11.91 -24.91
C LYS A 214 -1.16 11.95 -25.17
N ILE A 215 -0.34 11.74 -24.13
CA ILE A 215 1.10 11.74 -24.33
C ILE A 215 1.51 10.55 -25.18
N LEU A 216 1.03 9.35 -24.82
CA LEU A 216 1.43 8.17 -25.57
C LEU A 216 1.10 8.33 -27.05
N VAL A 217 -0.11 8.80 -27.36
CA VAL A 217 -0.52 8.92 -28.75
C VAL A 217 0.28 10.00 -29.47
N ALA A 218 0.60 11.09 -28.77
CA ALA A 218 1.38 12.16 -29.40
C ALA A 218 2.81 11.73 -29.68
N VAL A 219 3.40 10.84 -28.88
CA VAL A 219 4.73 10.36 -29.23
C VAL A 219 4.65 9.31 -30.35
N GLY A 220 3.60 8.50 -30.37
CA GLY A 220 3.49 7.47 -31.39
C GLY A 220 3.16 8.03 -32.77
N ASN A 221 2.46 9.16 -32.81
CA ASN A 221 2.09 9.79 -34.07
C ASN A 221 3.23 10.67 -34.57
N ILE A 222 4.45 10.13 -34.54
CA ILE A 222 5.63 10.77 -35.09
C ILE A 222 6.26 9.83 -36.12
N SER A 223 6.69 10.39 -37.24
CA SER A 223 7.26 9.60 -38.32
C SER A 223 8.54 8.94 -37.84
N GLY A 224 8.58 7.61 -37.90
CA GLY A 224 9.73 6.83 -37.48
C GLY A 224 9.54 6.10 -36.18
N ILE A 225 8.43 6.34 -35.49
CA ILE A 225 8.10 5.66 -34.25
C ILE A 225 7.08 4.57 -34.54
N ALA A 226 7.46 3.33 -34.24
CA ALA A 226 6.63 2.17 -34.53
C ALA A 226 5.90 1.64 -33.30
N SER A 227 6.42 1.93 -32.11
CA SER A 227 5.82 1.44 -30.89
C SER A 227 6.17 2.37 -29.74
N VAL A 228 5.29 2.38 -28.73
CA VAL A 228 5.46 3.18 -27.53
C VAL A 228 5.31 2.25 -26.33
N ASP A 229 6.31 2.24 -25.46
CA ASP A 229 6.29 1.43 -24.25
C ASP A 229 5.79 2.30 -23.10
N ASP A 230 4.57 2.04 -22.64
CA ASP A 230 3.93 2.85 -21.61
C ASP A 230 4.51 2.45 -20.25
N GLN A 231 5.50 3.20 -19.79
CA GLN A 231 6.04 3.06 -18.44
C GLN A 231 5.55 4.17 -17.53
N VAL A 232 4.28 4.54 -17.62
CA VAL A 232 3.73 5.68 -16.89
C VAL A 232 2.73 5.17 -15.89
N LYS A 233 2.93 5.50 -14.62
CA LYS A 233 1.98 5.19 -13.58
C LYS A 233 0.91 6.27 -13.50
N THR A 234 -0.35 5.86 -13.54
CA THR A 234 -1.45 6.77 -13.22
C THR A 234 -1.60 6.79 -11.71
N ALA A 235 -1.63 7.98 -11.12
CA ALA A 235 -1.99 8.09 -9.71
C ALA A 235 -3.25 7.31 -9.37
N THR A 236 -4.14 7.13 -10.34
CA THR A 236 -5.45 6.54 -10.11
C THR A 236 -5.87 5.81 -11.38
N PRO A 237 -6.26 4.53 -11.29
CA PRO A 237 -6.57 3.77 -12.51
C PRO A 237 -7.57 4.41 -13.46
N ALA A 238 -8.75 3.81 -13.63
CA ALA A 238 -9.76 4.21 -14.61
C ALA A 238 -9.53 3.54 -15.96
N THR A 239 -10.62 3.02 -16.51
CA THR A 239 -10.68 2.47 -17.87
C THR A 239 -9.87 3.27 -18.87
N ALA A 240 -9.09 2.54 -19.68
CA ALA A 240 -8.34 3.15 -20.76
C ALA A 240 -9.26 3.31 -21.98
N SER A 241 -8.87 4.20 -22.87
CA SER A 241 -9.60 4.33 -24.12
C SER A 241 -9.13 3.29 -25.13
N GLN A 242 -10.01 2.99 -26.08
CA GLN A 242 -9.57 2.35 -27.31
C GLN A 242 -8.62 3.28 -28.06
N PHE A 243 -7.67 2.69 -28.77
CA PHE A 243 -6.81 3.40 -29.70
C PHE A 243 -7.21 2.96 -31.10
N TYR A 244 -7.57 3.91 -31.95
CA TYR A 244 -8.03 3.63 -33.31
C TYR A 244 -7.01 4.14 -34.31
N THR A 245 -6.69 3.31 -35.30
CA THR A 245 -5.80 3.72 -36.38
C THR A 245 -6.64 4.22 -37.56
N VAL A 246 -6.40 5.47 -37.95
CA VAL A 246 -7.13 6.09 -39.05
C VAL A 246 -6.79 5.38 -40.35
N LYS A 247 -7.81 5.17 -41.18
CA LYS A 247 -7.67 4.51 -42.48
C LYS A 247 -7.92 5.52 -43.60
N SER A 248 -7.39 5.20 -44.72
CA SER A 248 -7.54 5.99 -45.89
C SER A 248 -9.01 6.08 -46.08
N GLY A 249 -9.51 7.24 -46.36
CA GLY A 249 -10.95 7.40 -46.53
C GLY A 249 -11.75 7.72 -45.29
N ASP A 250 -11.16 7.59 -44.12
CA ASP A 250 -11.95 7.82 -42.91
C ASP A 250 -12.35 9.29 -42.77
N THR A 251 -13.47 9.50 -42.09
CA THR A 251 -13.79 10.79 -41.49
C THR A 251 -14.12 10.55 -40.01
N LEU A 252 -13.99 11.59 -39.19
CA LEU A 252 -14.34 11.43 -37.78
C LEU A 252 -15.80 10.98 -37.64
N SER A 253 -16.68 11.47 -38.53
CA SER A 253 -18.08 11.07 -38.48
C SER A 253 -18.23 9.57 -38.72
N ALA A 254 -17.56 9.07 -39.76
CA ALA A 254 -17.67 7.64 -40.08
C ALA A 254 -17.00 6.79 -39.02
N ILE A 255 -15.89 7.25 -38.45
CA ILE A 255 -15.26 6.53 -37.36
C ILE A 255 -16.21 6.44 -36.17
N SER A 256 -16.80 7.57 -35.80
CA SER A 256 -17.75 7.59 -34.70
C SER A 256 -18.91 6.63 -34.97
N LYS A 257 -19.43 6.60 -36.20
CA LYS A 257 -20.52 5.69 -36.50
C LYS A 257 -20.11 4.25 -36.21
N GLN A 258 -18.87 3.89 -36.55
CA GLN A 258 -18.41 2.53 -36.36
C GLN A 258 -18.14 2.23 -34.89
N VAL A 259 -17.39 3.10 -34.21
CA VAL A 259 -16.93 2.75 -32.88
C VAL A 259 -18.01 2.96 -31.83
N TYR A 260 -18.92 3.90 -32.04
CA TYR A 260 -19.97 4.19 -31.08
C TYR A 260 -21.36 3.78 -31.56
N GLY A 261 -21.59 3.75 -32.86
CA GLY A 261 -22.89 3.45 -33.42
C GLY A 261 -23.58 4.61 -34.09
N ASN A 262 -23.08 5.83 -33.93
CA ASN A 262 -23.69 6.99 -34.57
C ASN A 262 -22.63 8.04 -34.82
N ALA A 263 -22.68 8.63 -36.02
CA ALA A 263 -21.77 9.73 -36.37
C ALA A 263 -21.93 10.94 -35.46
N ASN A 264 -23.05 11.06 -34.75
CA ASN A 264 -23.30 12.26 -33.94
C ASN A 264 -22.45 12.33 -32.68
N LEU A 265 -21.58 11.35 -32.42
CA LEU A 265 -20.59 11.47 -31.37
C LEU A 265 -19.20 11.80 -31.91
N TYR A 266 -19.10 12.34 -33.13
CA TYR A 266 -17.77 12.53 -33.70
C TYR A 266 -16.97 13.56 -32.92
N ASN A 267 -17.63 14.59 -32.37
CA ASN A 267 -16.90 15.61 -31.63
C ASN A 267 -16.31 15.06 -30.34
N LYS A 268 -16.88 14.00 -29.78
CA LYS A 268 -16.29 13.32 -28.64
C LYS A 268 -14.89 12.85 -28.97
N ILE A 269 -14.68 12.32 -30.18
CA ILE A 269 -13.36 11.87 -30.59
C ILE A 269 -12.44 13.07 -30.81
N PHE A 270 -12.96 14.14 -31.42
CA PHE A 270 -12.14 15.30 -31.73
C PHE A 270 -11.58 15.92 -30.44
N GLU A 271 -12.47 16.21 -29.49
CA GLU A 271 -12.04 16.83 -28.23
C GLU A 271 -11.04 15.95 -27.50
N ALA A 272 -11.26 14.62 -27.52
CA ALA A 272 -10.40 13.71 -26.79
C ALA A 272 -8.98 13.68 -27.36
N ASN A 273 -8.77 14.19 -28.57
CA ASN A 273 -7.46 14.20 -29.19
C ASN A 273 -6.89 15.60 -29.36
N LYS A 274 -7.57 16.61 -28.81
CA LYS A 274 -6.94 17.90 -28.66
C LYS A 274 -5.88 17.83 -27.55
N PRO A 275 -4.80 18.63 -27.63
CA PRO A 275 -4.53 19.62 -28.68
C PRO A 275 -3.74 19.03 -29.85
N MET A 276 -3.38 17.74 -29.78
CA MET A 276 -2.63 17.14 -30.87
C MET A 276 -3.36 17.33 -32.19
N LEU A 277 -4.68 17.14 -32.19
CA LEU A 277 -5.49 17.24 -33.39
C LEU A 277 -6.17 18.62 -33.40
N LYS A 278 -5.88 19.40 -34.44
CA LYS A 278 -6.33 20.79 -34.45
C LYS A 278 -7.70 20.95 -35.09
N SER A 279 -8.14 20.00 -35.90
CA SER A 279 -9.47 20.11 -36.46
C SER A 279 -9.88 18.76 -37.03
N PRO A 280 -11.19 18.58 -37.28
CA PRO A 280 -11.66 17.25 -37.71
C PRO A 280 -11.07 16.85 -39.04
N ASP A 281 -10.73 17.82 -39.86
CA ASP A 281 -10.22 17.57 -41.20
C ASP A 281 -8.74 17.27 -41.27
N LYS A 282 -8.04 17.30 -40.15
CA LYS A 282 -6.60 17.06 -40.14
C LYS A 282 -6.22 15.65 -39.71
N ILE A 283 -7.18 14.72 -39.61
CA ILE A 283 -6.79 13.31 -39.45
C ILE A 283 -6.14 12.82 -40.72
N TYR A 284 -5.36 11.74 -40.59
CA TYR A 284 -4.55 11.26 -41.70
C TYR A 284 -4.33 9.77 -41.56
N PRO A 285 -4.11 9.05 -42.66
CA PRO A 285 -3.97 7.59 -42.56
C PRO A 285 -2.78 7.21 -41.69
N GLY A 286 -2.97 6.22 -40.83
CA GLY A 286 -1.95 5.79 -39.91
C GLY A 286 -1.93 6.52 -38.59
N GLN A 287 -2.65 7.62 -38.47
CA GLN A 287 -2.75 8.33 -37.21
C GLN A 287 -3.53 7.50 -36.19
N VAL A 288 -3.02 7.41 -34.98
CA VAL A 288 -3.75 6.79 -33.88
C VAL A 288 -4.55 7.86 -33.15
N LEU A 289 -5.81 7.57 -32.88
CA LEU A 289 -6.65 8.46 -32.09
C LEU A 289 -7.17 7.75 -30.86
N ARG A 290 -7.26 8.50 -29.77
CA ARG A 290 -7.98 8.04 -28.59
C ARG A 290 -9.47 7.98 -28.87
N ILE A 291 -10.09 6.85 -28.53
CA ILE A 291 -11.54 6.74 -28.62
C ILE A 291 -12.08 6.64 -27.20
N PRO A 292 -12.53 7.74 -26.59
CA PRO A 292 -12.94 7.67 -25.18
C PRO A 292 -14.16 6.79 -25.00
N GLU A 293 -14.22 6.09 -23.87
CA GLU A 293 -15.35 5.22 -23.62
C GLU A 293 -16.65 6.00 -23.66
N GLU A 294 -17.66 5.43 -24.31
CA GLU A 294 -19.05 5.85 -24.13
C GLU A 294 -19.57 5.07 -22.94
N LEU A 295 -19.76 5.75 -21.82
CA LEU A 295 -20.05 5.06 -20.57
C LEU A 295 -21.45 4.48 -20.58
N GLU A 296 -21.58 3.30 -19.96
CA GLU A 296 -22.86 2.65 -19.72
C GLU A 296 -22.97 2.35 -18.24
N ASN A 297 -24.10 2.68 -17.64
CA ASN A 297 -24.36 2.43 -16.23
C ASN A 297 -25.32 1.26 -16.08
N VAL A 298 -25.40 0.74 -14.86
CA VAL A 298 -26.36 -0.30 -14.50
C VAL A 298 -27.46 0.35 -13.70
N TYR A 299 -28.69 0.29 -14.19
CA TYR A 299 -29.82 0.93 -13.55
C TYR A 299 -30.66 -0.08 -12.81
N ILE A 300 -30.88 0.17 -11.52
CA ILE A 300 -31.58 -0.75 -10.64
C ILE A 300 -32.87 -0.10 -10.16
N LYS A 301 -33.93 -0.90 -10.10
CA LYS A 301 -35.20 -0.47 -9.52
C LYS A 301 -35.75 -1.61 -8.67
N ALA A 302 -36.57 -1.25 -7.68
CA ALA A 302 -37.24 -2.28 -6.89
C ALA A 302 -38.39 -2.93 -7.66
N ASP A 303 -38.71 -4.18 -7.29
CA ASP A 303 -39.88 -4.91 -7.78
C ASP A 303 -40.48 -5.50 -6.50
N LYS A 304 -41.28 -4.72 -5.78
CA LYS A 304 -41.73 -5.13 -4.45
C LYS A 304 -42.67 -6.34 -4.48
N GLN A 305 -43.70 -6.32 -5.32
CA GLN A 305 -44.65 -7.44 -5.35
C GLN A 305 -43.98 -8.74 -5.80
N LYS A 306 -42.64 -8.71 -5.89
CA LYS A 306 -41.83 -9.92 -6.07
C LYS A 306 -40.76 -9.97 -4.99
N ASN A 307 -40.66 -8.94 -4.15
CA ASN A 307 -39.73 -8.90 -3.01
C ASN A 307 -38.27 -8.81 -3.41
N GLY A 308 -37.96 -8.15 -4.53
CA GLY A 308 -36.59 -8.08 -5.02
C GLY A 308 -36.30 -6.84 -5.77
N ILE A 309 -35.58 -6.98 -6.89
CA ILE A 309 -35.20 -5.81 -7.69
C ILE A 309 -35.18 -6.20 -9.15
N LYS A 310 -35.21 -5.19 -10.01
CA LYS A 310 -35.00 -5.33 -11.44
C LYS A 310 -33.87 -4.40 -11.84
N ALA A 311 -33.17 -4.75 -12.91
CA ALA A 311 -32.18 -3.85 -13.48
C ALA A 311 -32.19 -3.96 -14.99
N ASN A 312 -31.74 -2.89 -15.63
CA ASN A 312 -31.58 -2.88 -17.08
C ASN A 312 -30.36 -2.06 -17.42
N PHE A 313 -29.62 -2.50 -18.42
CA PHE A 313 -28.41 -1.83 -18.86
C PHE A 313 -28.02 -2.45 -20.18
N LYS A 314 -27.02 -1.86 -20.82
CA LYS A 314 -26.45 -2.44 -22.02
C LYS A 314 -24.93 -2.39 -21.92
N ILE A 315 -24.30 -3.36 -22.58
CA ILE A 315 -22.85 -3.49 -22.63
C ILE A 315 -22.43 -3.26 -24.07
N ARG A 316 -21.33 -2.52 -24.24
CA ARG A 316 -20.72 -2.29 -25.54
C ARG A 316 -19.50 -3.21 -25.64
N HIS A 317 -19.59 -4.20 -26.52
CA HIS A 317 -18.48 -5.11 -26.82
C HIS A 317 -17.78 -4.66 -28.10
N ASN A 318 -16.50 -4.34 -28.00
CA ASN A 318 -15.74 -3.95 -29.18
C ASN A 318 -15.58 -5.14 -30.13
N ILE A 319 -15.82 -4.90 -31.43
CA ILE A 319 -15.52 -5.89 -32.46
C ILE A 319 -14.10 -5.67 -32.92
N GLU A 320 -13.39 -6.78 -33.21
CA GLU A 320 -11.93 -6.66 -33.35
C GLU A 320 -11.56 -5.73 -34.48
N ASP A 321 -12.18 -5.92 -35.65
CA ASP A 321 -11.87 -5.17 -36.86
C ASP A 321 -12.81 -3.99 -37.06
N GLY A 322 -13.31 -3.42 -35.97
CA GLY A 322 -14.10 -2.22 -36.06
C GLY A 322 -15.54 -2.48 -35.71
N GLY A 323 -16.08 -1.68 -34.80
CA GLY A 323 -17.50 -1.67 -34.52
C GLY A 323 -17.76 -1.97 -33.06
N VAL A 324 -19.05 -1.98 -32.72
CA VAL A 324 -19.50 -2.24 -31.35
C VAL A 324 -20.64 -3.23 -31.45
N GLN A 325 -20.59 -4.28 -30.63
CA GLN A 325 -21.67 -5.23 -30.48
C GLN A 325 -22.38 -4.89 -29.17
N LEU A 326 -23.64 -4.46 -29.26
CA LEU A 326 -24.41 -4.14 -28.07
C LEU A 326 -25.06 -5.39 -27.49
N ALA A 327 -25.13 -5.43 -26.16
CA ALA A 327 -25.75 -6.51 -25.42
C ALA A 327 -26.72 -5.89 -24.43
N TYR A 328 -28.02 -6.00 -24.71
CA TYR A 328 -29.03 -5.40 -23.84
C TYR A 328 -29.33 -6.39 -22.73
N HIS A 329 -29.27 -5.92 -21.49
CA HIS A 329 -29.42 -6.78 -20.32
C HIS A 329 -30.72 -6.40 -19.61
N TYR A 330 -31.51 -7.42 -19.24
CA TYR A 330 -32.66 -7.23 -18.37
C TYR A 330 -32.56 -8.25 -17.26
N GLN A 331 -32.75 -7.78 -16.03
CA GLN A 331 -32.39 -8.55 -14.85
C GLN A 331 -33.48 -8.48 -13.80
N GLN A 332 -33.69 -9.61 -13.14
CA GLN A 332 -34.57 -9.70 -11.98
C GLN A 332 -33.88 -10.52 -10.91
N ASN A 333 -33.91 -10.03 -9.68
CA ASN A 333 -33.34 -10.71 -8.53
C ASN A 333 -34.44 -10.97 -7.50
N THR A 334 -34.52 -12.21 -7.01
CA THR A 334 -35.49 -12.58 -5.99
C THR A 334 -34.78 -13.25 -4.81
N PRO A 335 -35.08 -12.85 -3.58
CA PRO A 335 -34.40 -13.45 -2.42
C PRO A 335 -34.76 -14.93 -2.27
N ILE A 336 -33.78 -15.68 -1.76
CA ILE A 336 -33.98 -17.11 -1.49
C ILE A 336 -34.66 -17.30 -0.15
N GLY A 337 -34.23 -16.54 0.86
CA GLY A 337 -34.83 -16.59 2.18
C GLY A 337 -36.13 -15.81 2.26
N ASP A 338 -36.88 -16.08 3.34
CA ASP A 338 -38.16 -15.44 3.55
C ASP A 338 -38.09 -14.24 4.48
N GLY A 339 -36.92 -13.95 5.04
CA GLY A 339 -36.74 -12.75 5.84
C GLY A 339 -36.85 -11.48 5.03
N PRO A 340 -37.28 -10.39 5.68
CA PRO A 340 -37.40 -9.12 4.98
C PRO A 340 -36.08 -8.70 4.35
N VAL A 341 -36.18 -8.01 3.21
CA VAL A 341 -35.03 -7.54 2.46
C VAL A 341 -35.23 -6.06 2.17
N LEU A 342 -34.13 -5.39 1.82
CA LEU A 342 -34.20 -3.98 1.48
C LEU A 342 -34.58 -3.85 0.00
N LEU A 343 -35.66 -3.10 -0.26
CA LEU A 343 -36.09 -2.83 -1.63
C LEU A 343 -35.75 -1.40 -1.98
N PRO A 344 -34.78 -1.16 -2.87
CA PRO A 344 -34.15 0.15 -2.96
C PRO A 344 -34.97 1.16 -3.75
N ASP A 345 -34.59 2.43 -3.59
CA ASP A 345 -35.02 3.45 -4.53
C ASP A 345 -34.29 3.24 -5.84
N ASN A 346 -34.73 3.94 -6.89
CA ASN A 346 -34.00 3.89 -8.15
C ASN A 346 -32.59 4.43 -7.96
N HIS A 347 -31.61 3.72 -8.50
CA HIS A 347 -30.22 4.15 -8.44
C HIS A 347 -29.46 3.44 -9.57
N TYR A 348 -28.15 3.69 -9.66
CA TYR A 348 -27.34 3.00 -10.65
C TYR A 348 -26.00 2.57 -10.05
N LEU A 349 -25.40 1.58 -10.71
CA LEU A 349 -24.05 1.13 -10.41
C LEU A 349 -23.13 1.51 -11.56
N SER A 350 -21.92 1.93 -11.21
CA SER A 350 -20.87 2.26 -12.18
C SER A 350 -19.77 1.21 -12.11
N VAL A 351 -19.46 0.61 -13.26
CA VAL A 351 -18.60 -0.57 -13.31
C VAL A 351 -17.36 -0.23 -14.15
N GLN A 352 -16.18 -0.50 -13.58
CA GLN A 352 -14.92 -0.49 -14.31
C GLN A 352 -14.30 -1.87 -14.26
N SER A 353 -13.99 -2.40 -15.49
CA SER A 353 -13.61 -3.77 -15.62
C SER A 353 -12.36 -3.86 -16.55
N LYS A 354 -11.47 -4.78 -16.23
CA LYS A 354 -10.25 -5.04 -16.98
C LYS A 354 -10.04 -6.53 -17.13
N LEU A 355 -9.89 -6.98 -18.36
CA LEU A 355 -9.66 -8.37 -18.67
C LEU A 355 -8.19 -8.54 -19.04
N SER A 356 -7.58 -9.63 -18.57
CA SER A 356 -6.17 -9.86 -18.84
C SER A 356 -5.93 -11.36 -18.92
N LYS A 357 -4.69 -11.72 -19.23
CA LYS A 357 -4.31 -13.13 -19.39
C LYS A 357 -3.07 -13.44 -18.56
N ASP A 358 -3.05 -14.65 -18.01
CA ASP A 358 -1.85 -15.22 -17.42
C ASP A 358 -0.97 -15.82 -18.51
N PRO A 359 0.25 -15.30 -18.73
CA PRO A 359 1.06 -15.88 -19.81
C PRO A 359 1.45 -17.32 -19.52
N ASN A 360 1.53 -17.71 -18.24
CA ASN A 360 1.88 -19.07 -17.89
C ASN A 360 0.69 -20.02 -17.85
N GLU A 361 -0.54 -19.50 -17.75
CA GLU A 361 -1.70 -20.37 -17.87
C GLU A 361 -1.80 -20.87 -19.31
N LYS A 362 -2.23 -22.12 -19.45
CA LYS A 362 -2.33 -22.76 -20.76
C LYS A 362 -3.76 -23.16 -21.14
N ARG A 363 -4.67 -23.25 -20.17
CA ARG A 363 -6.06 -23.50 -20.48
C ARG A 363 -6.75 -22.22 -20.91
N ASP A 364 -7.91 -22.35 -21.54
CA ASP A 364 -8.71 -21.19 -21.91
C ASP A 364 -9.24 -20.54 -20.64
N HIS A 365 -8.91 -19.27 -20.42
CA HIS A 365 -9.16 -18.65 -19.14
C HIS A 365 -9.45 -17.17 -19.32
N MET A 366 -9.78 -16.52 -18.20
CA MET A 366 -9.99 -15.08 -18.14
C MET A 366 -9.62 -14.62 -16.74
N VAL A 367 -8.69 -13.67 -16.65
CA VAL A 367 -8.41 -12.97 -15.40
C VAL A 367 -9.21 -11.68 -15.40
N LEU A 368 -9.87 -11.38 -14.28
CA LEU A 368 -10.80 -10.27 -14.22
C LEU A 368 -10.52 -9.42 -12.99
N LEU A 369 -10.42 -8.11 -13.22
CA LEU A 369 -10.36 -7.10 -12.16
C LEU A 369 -11.52 -6.16 -12.37
N GLU A 370 -12.27 -5.89 -11.31
CA GLU A 370 -13.51 -5.13 -11.46
C GLU A 370 -13.77 -4.27 -10.24
N PHE A 371 -14.23 -3.05 -10.49
CA PHE A 371 -14.61 -2.11 -9.45
C PHE A 371 -16.03 -1.66 -9.72
N VAL A 372 -16.86 -1.64 -8.68
CA VAL A 372 -18.27 -1.29 -8.83
C VAL A 372 -18.68 -0.37 -7.69
N THR A 373 -19.38 0.71 -8.01
CA THR A 373 -19.87 1.68 -7.04
C THR A 373 -21.32 2.04 -7.34
N ALA A 374 -22.11 2.23 -6.27
CA ALA A 374 -23.50 2.65 -6.38
C ALA A 374 -23.58 4.17 -6.29
N ALA A 375 -24.67 4.67 -6.84
CA ALA A 375 -25.00 6.08 -6.85
C ALA A 375 -26.46 6.40 -7.18
N GLY A 376 -26.85 7.63 -6.90
CA GLY A 376 -28.22 8.06 -7.02
C GLY A 376 -28.39 8.57 -8.37
N ILE A 377 -29.56 8.42 -8.92
CA ILE A 377 -29.83 8.90 -10.25
C ILE A 377 -29.60 10.42 -10.33
N THR A 378 -28.85 10.84 -11.32
CA THR A 378 -28.46 12.23 -11.49
C THR A 378 -29.44 13.02 -12.29
N LEU A 379 -29.26 14.30 -12.24
CA LEU A 379 -30.13 15.22 -12.99
C LEU A 379 -30.09 14.92 -14.48
N GLY A 380 -28.89 14.84 -15.05
CA GLY A 380 -28.75 14.54 -16.47
C GLY A 380 -29.36 13.23 -16.88
N MET A 381 -29.58 12.32 -15.93
CA MET A 381 -30.26 11.07 -16.20
C MET A 381 -31.78 11.31 -16.20
N LYS B 4 31.39 8.10 -6.13
CA LYS B 4 30.72 8.93 -5.22
C LYS B 4 30.05 10.06 -6.03
N GLY B 5 28.79 10.42 -5.82
CA GLY B 5 27.82 9.83 -4.89
C GLY B 5 27.83 10.39 -3.51
N GLU B 6 28.88 10.04 -2.81
CA GLU B 6 29.21 10.50 -1.48
C GLU B 6 29.30 11.99 -1.32
N GLU B 7 29.66 12.73 -2.37
CA GLU B 7 29.80 14.19 -2.29
C GLU B 7 28.51 14.84 -1.83
N LEU B 8 27.38 14.30 -2.28
CA LEU B 8 26.08 14.90 -1.95
C LEU B 8 25.76 14.82 -0.47
N PHE B 9 26.51 14.05 0.31
CA PHE B 9 26.19 13.80 1.71
C PHE B 9 27.23 14.33 2.67
N THR B 10 28.21 15.10 2.18
CA THR B 10 29.26 15.59 3.06
C THR B 10 28.75 16.58 4.09
N GLY B 11 27.60 17.22 3.84
CA GLY B 11 27.02 18.13 4.80
C GLY B 11 25.58 17.83 5.14
N VAL B 12 24.90 18.79 5.78
CA VAL B 12 23.50 18.62 6.14
C VAL B 12 22.63 18.73 4.88
N VAL B 13 21.70 17.81 4.73
CA VAL B 13 20.89 17.67 3.53
C VAL B 13 19.42 17.68 3.93
N PRO B 14 18.59 18.53 3.31
CA PRO B 14 17.16 18.53 3.67
C PRO B 14 16.47 17.29 3.11
N ILE B 15 15.44 16.86 3.82
CA ILE B 15 14.73 15.62 3.51
C ILE B 15 13.24 15.91 3.38
N LEU B 16 12.62 15.36 2.35
CA LEU B 16 11.17 15.30 2.22
C LEU B 16 10.75 13.83 2.21
N VAL B 17 9.76 13.50 3.03
CA VAL B 17 9.18 12.16 3.05
C VAL B 17 7.68 12.30 2.79
N GLU B 18 7.15 11.43 1.94
CA GLU B 18 5.72 11.38 1.67
C GLU B 18 5.30 9.91 1.62
N LEU B 19 4.27 9.58 2.38
CA LEU B 19 3.78 8.21 2.45
C LEU B 19 2.29 8.21 2.20
N ASP B 20 1.83 7.32 1.32
CA ASP B 20 0.41 7.05 1.13
C ASP B 20 0.18 5.62 1.58
N GLY B 21 -0.70 5.43 2.55
CA GLY B 21 -0.89 4.13 3.15
C GLY B 21 -2.34 3.72 3.21
N ASP B 22 -2.55 2.40 3.12
CA ASP B 22 -3.86 1.79 3.35
C ASP B 22 -3.62 0.51 4.11
N VAL B 23 -4.05 0.46 5.37
CA VAL B 23 -3.90 -0.72 6.21
C VAL B 23 -5.30 -1.23 6.53
N ASN B 24 -5.69 -2.34 5.90
CA ASN B 24 -7.02 -2.92 6.12
C ASN B 24 -8.12 -1.93 5.74
N GLY B 25 -7.90 -1.21 4.64
CA GLY B 25 -8.84 -0.22 4.17
C GLY B 25 -8.83 1.09 4.94
N HIS B 26 -7.99 1.26 5.96
CA HIS B 26 -7.92 2.53 6.70
C HIS B 26 -6.82 3.40 6.08
N LYS B 27 -7.22 4.35 5.22
CA LYS B 27 -6.29 5.14 4.43
C LYS B 27 -5.78 6.32 5.22
N PHE B 28 -4.55 6.69 4.91
CA PHE B 28 -3.91 7.76 5.62
C PHE B 28 -2.75 8.26 4.76
N SER B 29 -2.27 9.45 5.10
CA SER B 29 -1.10 10.01 4.45
C SER B 29 -0.21 10.62 5.52
N VAL B 30 1.09 10.60 5.27
CA VAL B 30 2.09 11.15 6.17
C VAL B 30 3.01 12.03 5.35
N SER B 31 3.34 13.20 5.88
CA SER B 31 4.37 14.06 5.32
C SER B 31 5.48 14.20 6.34
N GLY B 32 6.71 14.22 5.86
CA GLY B 32 7.87 14.38 6.73
C GLY B 32 8.78 15.49 6.26
N GLU B 33 9.31 16.25 7.22
CA GLU B 33 10.25 17.33 6.95
C GLU B 33 11.41 17.24 7.95
N GLY B 34 12.57 17.65 7.49
CA GLY B 34 13.74 17.70 8.34
C GLY B 34 15.02 17.55 7.51
N GLU B 35 16.00 16.86 8.09
CA GLU B 35 17.33 16.86 7.49
C GLU B 35 18.14 15.69 8.03
N GLY B 36 19.17 15.34 7.28
CA GLY B 36 20.09 14.30 7.69
C GLY B 36 21.53 14.73 7.48
N ASP B 37 22.42 14.12 8.27
CA ASP B 37 23.84 14.45 8.30
C ASP B 37 24.60 13.13 8.28
N ALA B 38 24.99 12.69 7.08
CA ALA B 38 25.53 11.34 6.95
C ALA B 38 26.90 11.19 7.57
N THR B 39 27.67 12.28 7.69
CA THR B 39 28.97 12.17 8.35
C THR B 39 28.82 11.68 9.79
N TYR B 40 27.66 11.97 10.43
CA TYR B 40 27.36 11.52 11.80
C TYR B 40 26.23 10.50 11.82
N GLY B 41 25.82 9.96 10.67
CA GLY B 41 24.70 9.04 10.63
C GLY B 41 23.41 9.52 11.23
N LYS B 42 23.15 10.83 11.17
CA LYS B 42 22.12 11.46 11.98
C LYS B 42 20.95 11.94 11.14
N LEU B 43 19.76 11.67 11.66
CA LEU B 43 18.49 12.07 11.06
C LEU B 43 17.65 12.82 12.09
N THR B 44 17.13 13.98 11.69
CA THR B 44 16.21 14.76 12.52
C THR B 44 15.01 15.07 11.65
N LEU B 45 13.86 14.48 11.99
CA LEU B 45 12.68 14.51 11.14
C LEU B 45 11.44 14.64 12.00
N LYS B 46 10.44 15.32 11.47
CA LYS B 46 9.12 15.35 12.10
C LYS B 46 8.08 14.94 11.07
N PHE B 47 7.19 14.05 11.48
CA PHE B 47 6.17 13.49 10.61
C PHE B 47 4.79 13.89 11.12
N ILE B 48 3.90 14.17 10.18
CA ILE B 48 2.54 14.61 10.51
C ILE B 48 1.59 13.71 9.73
N CYS B 49 0.56 13.22 10.39
CA CYS B 49 -0.53 12.57 9.67
C CYS B 49 -1.41 13.65 9.07
N THR B 50 -1.44 13.74 7.74
CA THR B 50 -2.11 14.84 7.06
C THR B 50 -3.60 14.58 6.89
N THR B 51 -4.05 13.33 7.05
CA THR B 51 -5.44 12.95 6.85
C THR B 51 -6.23 12.90 8.13
N GLY B 52 -5.61 13.17 9.28
CA GLY B 52 -6.26 13.11 10.57
C GLY B 52 -5.45 12.37 11.62
N LYS B 53 -6.05 11.37 12.26
CA LYS B 53 -5.32 10.50 13.17
C LYS B 53 -4.78 9.29 12.43
N LEU B 54 -3.58 8.88 12.78
CA LEU B 54 -2.96 7.70 12.16
C LEU B 54 -3.62 6.43 12.66
N PRO B 55 -4.07 5.53 11.78
CA PRO B 55 -4.79 4.33 12.24
C PRO B 55 -3.88 3.24 12.77
N VAL B 56 -2.56 3.40 12.66
CA VAL B 56 -1.60 2.41 13.15
C VAL B 56 -0.63 3.13 14.08
N PRO B 57 0.09 2.40 14.92
CA PRO B 57 1.09 3.04 15.76
C PRO B 57 2.21 3.64 14.92
N TRP B 58 2.60 4.87 15.28
CA TRP B 58 3.77 5.51 14.67
C TRP B 58 5.00 4.60 14.67
N PRO B 59 5.36 3.93 15.76
CA PRO B 59 6.59 3.10 15.72
C PRO B 59 6.58 2.07 14.61
N THR B 60 5.42 1.59 14.16
CA THR B 60 5.41 0.56 13.13
C THR B 60 5.79 1.12 11.76
N LEU B 61 5.82 2.45 11.62
CA LEU B 61 6.15 3.11 10.37
C LEU B 61 7.57 3.65 10.31
N VAL B 62 8.32 3.61 11.41
CA VAL B 62 9.64 4.22 11.44
C VAL B 62 10.53 3.66 10.32
N THR B 63 10.64 2.33 10.24
CA THR B 63 11.55 1.73 9.27
C THR B 63 11.17 2.12 7.84
N THR B 64 9.87 2.25 7.57
CA THR B 64 9.42 2.60 6.22
C THR B 64 9.69 4.08 5.93
N LEU B 65 9.41 4.95 6.90
CA LEU B 65 9.62 6.38 6.73
C LEU B 65 11.10 6.75 6.72
N1 CRO B 66 11.98 6.16 7.53
CA1 CRO B 66 13.39 6.34 7.62
CB1 CRO B 66 13.79 6.92 8.98
CG1 CRO B 66 13.20 8.31 9.06
OG1 CRO B 66 13.33 6.12 10.03
C1 CRO B 66 14.03 4.94 7.37
N2 CRO B 66 14.64 4.10 8.37
N3 CRO B 66 14.08 4.35 6.05
C2 CRO B 66 14.78 3.02 6.23
O2 CRO B 66 15.02 2.22 5.36
CA2 CRO B 66 15.11 2.89 7.72
CA3 CRO B 66 13.55 4.92 4.79
C3 CRO B 66 14.67 5.51 3.91
O3 CRO B 66 14.56 5.38 2.69
CB2 CRO B 66 15.74 1.87 8.23
CG2 CRO B 66 15.66 1.44 9.71
CD1 CRO B 66 15.14 2.28 10.70
CD2 CRO B 66 16.11 0.19 10.05
CE1 CRO B 66 15.11 1.85 12.02
CE2 CRO B 66 16.07 -0.25 11.36
CZ CRO B 66 15.57 0.58 12.35
OH CRO B 66 15.53 0.13 13.68
N VAL B 67 15.61 6.11 4.64
CA VAL B 67 16.59 6.92 3.93
C VAL B 67 17.99 6.52 4.39
N GLN B 68 18.36 5.27 4.13
CA GLN B 68 19.58 4.69 4.67
C GLN B 68 20.83 5.22 3.99
N CYS B 69 20.68 6.03 2.93
CA CYS B 69 21.81 6.82 2.43
C CYS B 69 22.40 7.76 3.47
N PHE B 70 21.69 8.01 4.57
CA PHE B 70 22.19 8.82 5.68
C PHE B 70 22.88 8.01 6.77
N SER B 71 23.11 6.72 6.56
CA SER B 71 23.91 5.93 7.49
C SER B 71 25.36 6.41 7.46
N ARG B 72 26.00 6.41 8.63
CA ARG B 72 27.42 6.68 8.70
C ARG B 72 28.19 5.43 8.23
N TYR B 73 28.82 5.51 7.07
CA TYR B 73 29.74 4.46 6.63
C TYR B 73 31.16 4.92 6.90
N PRO B 74 31.85 4.41 7.91
CA PRO B 74 33.24 4.80 8.14
C PRO B 74 34.13 4.50 6.93
N ASP B 75 35.34 5.06 6.98
CA ASP B 75 36.21 5.09 5.80
C ASP B 75 36.46 3.69 5.25
N HIS B 76 36.74 2.72 6.12
CA HIS B 76 36.99 1.36 5.65
C HIS B 76 35.74 0.66 5.10
N MET B 77 34.56 1.20 5.35
CA MET B 77 33.31 0.63 4.88
C MET B 77 32.79 1.32 3.62
N LYS B 78 33.44 2.40 3.19
CA LYS B 78 32.93 3.20 2.08
C LYS B 78 32.81 2.38 0.80
N GLN B 79 33.58 1.30 0.67
CA GLN B 79 33.43 0.42 -0.48
C GLN B 79 32.05 -0.21 -0.51
N HIS B 80 31.38 -0.30 0.64
CA HIS B 80 30.16 -1.08 0.78
C HIS B 80 28.90 -0.22 0.83
N ASP B 81 29.00 1.07 0.53
CA ASP B 81 27.86 1.97 0.70
C ASP B 81 27.08 2.04 -0.61
N PHE B 82 26.20 1.06 -0.79
CA PHE B 82 25.34 1.06 -1.98
C PHE B 82 24.47 2.30 -2.03
N PHE B 83 23.98 2.75 -0.88
CA PHE B 83 22.91 3.75 -0.85
C PHE B 83 23.33 5.06 -1.48
N LYS B 84 24.50 5.59 -1.09
CA LYS B 84 24.97 6.84 -1.68
C LYS B 84 25.44 6.63 -3.11
N SER B 85 26.04 5.47 -3.41
CA SER B 85 26.58 5.24 -4.74
C SER B 85 25.48 5.30 -5.81
N ALA B 86 24.22 5.13 -5.42
CA ALA B 86 23.12 5.20 -6.37
C ALA B 86 22.61 6.62 -6.57
N MET B 87 23.01 7.57 -5.72
CA MET B 87 22.60 8.96 -5.79
C MET B 87 23.38 9.67 -6.91
N PRO B 88 22.79 10.71 -7.53
CA PRO B 88 21.48 11.30 -7.18
C PRO B 88 20.27 10.64 -7.82
N GLU B 89 20.49 9.71 -8.74
CA GLU B 89 19.35 9.14 -9.46
C GLU B 89 18.48 8.30 -8.52
N GLY B 90 19.11 7.61 -7.59
CA GLY B 90 18.42 7.04 -6.43
C GLY B 90 18.27 5.53 -6.56
N TYR B 91 17.42 5.00 -5.68
CA TYR B 91 17.12 3.58 -5.71
C TYR B 91 15.65 3.35 -5.36
N ILE B 92 15.16 2.18 -5.73
CA ILE B 92 13.86 1.69 -5.31
C ILE B 92 14.08 0.83 -4.07
N GLN B 93 13.25 1.03 -3.05
CA GLN B 93 13.33 0.26 -1.82
C GLN B 93 12.00 -0.44 -1.63
N GLU B 94 12.02 -1.77 -1.54
CA GLU B 94 10.83 -2.58 -1.31
C GLU B 94 11.04 -3.41 -0.07
N ARG B 95 9.98 -3.55 0.72
CA ARG B 95 10.01 -4.40 1.88
C ARG B 95 8.69 -5.16 2.02
N THR B 96 8.77 -6.32 2.66
CA THR B 96 7.65 -6.92 3.35
C THR B 96 7.99 -6.94 4.83
N ILE B 97 7.02 -6.57 5.67
CA ILE B 97 7.18 -6.54 7.11
C ILE B 97 6.11 -7.45 7.69
N PHE B 98 6.54 -8.57 8.27
CA PHE B 98 5.64 -9.54 8.87
C PHE B 98 5.56 -9.27 10.36
N PHE B 99 4.40 -8.82 10.84
CA PHE B 99 4.16 -8.70 12.27
C PHE B 99 3.73 -10.05 12.81
N LYS B 100 4.52 -10.63 13.69
CA LYS B 100 4.26 -11.97 14.21
C LYS B 100 2.85 -12.04 14.79
N ASP B 101 2.11 -13.06 14.39
CA ASP B 101 0.75 -13.30 14.89
C ASP B 101 -0.18 -12.15 14.54
N ASP B 102 0.02 -11.54 13.36
CA ASP B 102 -0.80 -10.43 12.93
C ASP B 102 -0.56 -10.17 11.45
N GLY B 103 -0.91 -8.99 10.97
CA GLY B 103 -0.85 -8.69 9.55
C GLY B 103 0.56 -8.39 9.08
N ASN B 104 0.64 -7.93 7.82
CA ASN B 104 1.90 -7.54 7.22
C ASN B 104 1.77 -6.20 6.50
N TYR B 105 2.89 -5.50 6.41
CA TYR B 105 3.01 -4.33 5.54
C TYR B 105 3.81 -4.75 4.30
N LYS B 106 3.39 -4.25 3.14
CA LYS B 106 4.20 -4.32 1.93
C LYS B 106 4.45 -2.90 1.48
N THR B 107 5.71 -2.59 1.17
CA THR B 107 6.10 -1.21 0.91
C THR B 107 6.93 -1.10 -0.36
N ARG B 108 6.71 -0.01 -1.09
CA ARG B 108 7.53 0.36 -2.24
C ARG B 108 7.84 1.85 -2.12
N ALA B 109 9.12 2.19 -2.23
CA ALA B 109 9.56 3.57 -2.06
C ALA B 109 10.57 3.93 -3.13
N GLU B 110 10.57 5.19 -3.52
CA GLU B 110 11.62 5.76 -4.36
C GLU B 110 12.40 6.76 -3.51
N VAL B 111 13.72 6.61 -3.49
CA VAL B 111 14.61 7.47 -2.72
C VAL B 111 15.59 8.09 -3.70
N LYS B 112 15.62 9.42 -3.75
CA LYS B 112 16.33 10.09 -4.83
C LYS B 112 16.44 11.57 -4.50
N PHE B 113 17.41 12.23 -5.13
CA PHE B 113 17.50 13.68 -5.00
C PHE B 113 16.54 14.33 -5.99
N GLU B 114 15.89 15.41 -5.56
CA GLU B 114 15.11 16.29 -6.41
C GLU B 114 15.62 17.68 -6.06
N GLY B 115 16.43 18.27 -6.93
CA GLY B 115 17.16 19.46 -6.55
C GLY B 115 18.14 19.14 -5.44
N ASP B 116 18.17 19.98 -4.42
CA ASP B 116 19.09 19.82 -3.29
C ASP B 116 18.48 18.96 -2.18
N THR B 117 17.31 18.38 -2.39
CA THR B 117 16.58 17.68 -1.35
C THR B 117 16.51 16.19 -1.66
N LEU B 118 16.77 15.38 -0.64
CA LEU B 118 16.61 13.93 -0.72
C LEU B 118 15.16 13.61 -0.38
N VAL B 119 14.48 12.94 -1.31
CA VAL B 119 13.05 12.68 -1.22
C VAL B 119 12.86 11.18 -1.07
N ASN B 120 11.96 10.79 -0.16
CA ASN B 120 11.55 9.40 0.04
C ASN B 120 10.04 9.37 -0.13
N ARG B 121 9.57 8.87 -1.28
CA ARG B 121 8.16 8.74 -1.58
C ARG B 121 7.73 7.28 -1.53
N ILE B 122 6.71 6.99 -0.75
CA ILE B 122 6.42 5.62 -0.32
C ILE B 122 4.97 5.28 -0.57
N GLU B 123 4.74 4.05 -1.03
CA GLU B 123 3.44 3.40 -1.02
C GLU B 123 3.45 2.22 -0.07
N LEU B 124 2.46 2.17 0.83
CA LEU B 124 2.36 1.10 1.81
C LEU B 124 0.97 0.48 1.76
N LYS B 125 0.91 -0.86 1.71
CA LYS B 125 -0.35 -1.58 1.82
C LYS B 125 -0.23 -2.63 2.91
N GLY B 126 -1.07 -2.54 3.92
CA GLY B 126 -1.14 -3.52 5.00
C GLY B 126 -2.43 -4.31 4.91
N ILE B 127 -2.33 -5.64 5.09
CA ILE B 127 -3.52 -6.49 5.05
C ILE B 127 -3.43 -7.59 6.11
N ASP B 128 -4.59 -8.12 6.47
CA ASP B 128 -4.72 -9.29 7.36
C ASP B 128 -4.51 -8.94 8.83
N PHE B 129 -4.63 -7.67 9.20
CA PHE B 129 -4.42 -7.29 10.58
C PHE B 129 -5.70 -7.50 11.36
N LYS B 130 -5.51 -7.79 12.63
CA LYS B 130 -6.62 -8.01 13.53
C LYS B 130 -7.07 -6.65 14.08
N GLU B 131 -8.35 -6.33 13.89
CA GLU B 131 -8.87 -5.00 14.20
C GLU B 131 -8.81 -4.67 15.70
N ASP B 132 -8.59 -5.67 16.56
CA ASP B 132 -8.25 -5.47 17.97
C ASP B 132 -6.85 -6.01 18.28
N GLY B 133 -6.06 -6.30 17.25
CA GLY B 133 -4.67 -6.70 17.40
C GLY B 133 -3.81 -5.61 18.01
N ASN B 134 -2.51 -5.86 18.11
CA ASN B 134 -1.62 -4.86 18.72
C ASN B 134 -1.47 -3.65 17.81
N ILE B 135 -1.61 -3.83 16.50
CA ILE B 135 -1.40 -2.75 15.55
C ILE B 135 -2.64 -1.87 15.47
N LEU B 136 -3.72 -2.40 14.90
CA LEU B 136 -4.95 -1.63 14.76
C LEU B 136 -5.58 -1.30 16.10
N GLY B 137 -5.25 -2.04 17.16
CA GLY B 137 -5.73 -1.74 18.48
C GLY B 137 -4.95 -0.71 19.25
N HIS B 138 -3.87 -0.18 18.68
CA HIS B 138 -3.07 0.85 19.33
C HIS B 138 -2.54 0.38 20.68
N LYS B 139 -2.04 -0.85 20.72
CA LYS B 139 -1.56 -1.45 21.95
C LYS B 139 -0.05 -1.36 22.11
N LEU B 140 0.64 -0.79 21.12
CA LEU B 140 2.09 -0.63 21.18
C LEU B 140 2.44 0.69 21.86
N GLU B 141 3.46 0.66 22.71
CA GLU B 141 3.93 1.88 23.35
C GLU B 141 4.60 2.78 22.33
N TYR B 142 4.36 4.08 22.44
CA TYR B 142 4.92 5.04 21.49
C TYR B 142 6.42 5.23 21.73
N ASN B 143 6.80 5.52 22.97
CA ASN B 143 8.20 5.72 23.31
C ASN B 143 8.40 5.40 24.79
N LEU B 144 9.67 5.45 25.22
CA LEU B 144 9.98 5.26 26.63
C LEU B 144 9.76 6.57 27.38
N PRO B 145 8.87 6.63 28.37
CA PRO B 145 8.84 7.82 29.24
C PRO B 145 10.23 8.41 29.48
N ASP B 146 10.40 9.70 29.22
CA ASP B 146 11.63 10.44 29.48
C ASP B 146 11.50 11.20 30.80
N GLY B 147 12.65 11.48 31.42
CA GLY B 147 12.76 12.60 32.34
C GLY B 147 12.08 12.43 33.68
N LEU B 148 10.79 12.12 33.72
CA LEU B 148 10.10 11.94 34.99
C LEU B 148 9.62 10.49 35.06
N PHE B 149 10.15 9.74 36.02
CA PHE B 149 9.85 8.32 36.18
C PHE B 149 9.00 8.12 37.43
N ASN B 150 7.95 7.31 37.30
CA ASN B 150 7.04 7.05 38.39
C ASN B 150 7.34 5.70 39.04
N PHE B 151 7.24 5.66 40.37
CA PHE B 151 7.47 4.47 41.16
C PHE B 151 6.30 4.28 42.11
N VAL B 152 6.00 3.03 42.45
CA VAL B 152 4.99 2.74 43.46
C VAL B 152 5.51 3.32 44.77
N LYS B 153 4.83 4.35 45.28
CA LYS B 153 5.44 5.23 46.27
C LYS B 153 5.89 4.43 47.48
N ASP B 154 5.05 3.52 47.96
CA ASP B 154 5.33 2.75 49.16
C ASP B 154 6.09 1.45 48.93
N ALA B 155 6.45 1.15 47.70
CA ALA B 155 7.42 0.10 47.45
C ALA B 155 8.86 0.60 47.68
N GLY B 156 9.72 -0.31 48.11
CA GLY B 156 11.15 -0.07 48.10
C GLY B 156 11.77 -0.17 49.47
N GLU B 157 13.04 0.19 49.54
CA GLU B 157 13.78 0.08 50.79
C GLU B 157 13.29 1.15 51.76
N LYS B 158 13.07 0.74 53.01
CA LYS B 158 12.60 1.65 54.05
C LYS B 158 13.81 2.32 54.70
N LEU B 159 13.99 3.60 54.43
CA LEU B 159 15.09 4.38 54.96
C LEU B 159 14.65 5.35 56.06
N TRP B 160 13.35 5.53 56.26
CA TRP B 160 12.83 6.45 57.25
C TRP B 160 11.40 6.05 57.56
N ASP B 161 10.86 6.60 58.63
CA ASP B 161 9.54 6.20 59.13
C ASP B 161 8.45 6.74 58.21
N ASP B 170 16.18 17.85 54.05
CA ASP B 170 17.56 17.77 53.60
C ASP B 170 18.24 16.59 54.29
N ASP B 171 17.55 16.05 55.30
CA ASP B 171 17.93 14.80 55.94
C ASP B 171 17.46 13.57 55.17
N GLN B 172 16.35 13.68 54.44
CA GLN B 172 15.89 12.56 53.62
C GLN B 172 16.83 12.33 52.44
N ALA B 173 17.20 13.39 51.71
CA ALA B 173 18.10 13.23 50.58
C ALA B 173 19.48 12.73 51.03
N LYS B 174 19.91 13.10 52.24
CA LYS B 174 21.17 12.60 52.78
C LYS B 174 21.05 11.11 53.04
N LYS B 175 19.90 10.66 53.55
CA LYS B 175 19.66 9.24 53.77
C LYS B 175 19.65 8.49 52.44
N VAL B 176 19.05 9.07 51.40
CA VAL B 176 19.08 8.44 50.08
C VAL B 176 20.54 8.28 49.64
N GLN B 177 21.29 9.38 49.67
CA GLN B 177 22.67 9.36 49.20
C GLN B 177 23.50 8.35 49.98
N GLU B 178 23.24 8.20 51.28
CA GLU B 178 23.97 7.21 52.04
C GLU B 178 23.61 5.80 51.60
N HIS B 179 22.35 5.59 51.22
CA HIS B 179 21.93 4.28 50.72
C HIS B 179 22.60 3.96 49.40
N LEU B 180 22.59 4.90 48.47
CA LEU B 180 23.25 4.70 47.18
C LEU B 180 24.71 4.34 47.38
N ASN B 181 25.40 5.06 48.27
CA ASN B 181 26.81 4.79 48.53
C ASN B 181 26.97 3.42 49.20
N LYS B 182 26.18 3.17 50.25
CA LYS B 182 26.33 1.95 51.04
C LYS B 182 26.05 0.71 50.21
N THR B 183 25.11 0.78 49.26
CA THR B 183 24.78 -0.38 48.45
C THR B 183 25.68 -0.54 47.23
N GLY B 184 26.60 0.39 47.00
CA GLY B 184 27.59 0.20 45.95
C GLY B 184 27.22 0.70 44.58
N ILE B 185 26.25 1.60 44.47
CA ILE B 185 25.77 2.03 43.16
C ILE B 185 26.88 2.83 42.51
N PRO B 186 27.38 2.41 41.33
CA PRO B 186 28.48 3.15 40.71
C PRO B 186 28.12 4.60 40.43
N ASP B 187 29.11 5.47 40.64
CA ASP B 187 28.97 6.90 40.37
C ASP B 187 27.92 7.57 41.24
N ALA B 188 27.58 6.96 42.39
CA ALA B 188 26.67 7.61 43.32
C ALA B 188 27.29 8.88 43.89
N ASP B 189 28.62 8.94 43.93
CA ASP B 189 29.33 10.10 44.43
C ASP B 189 29.45 11.19 43.38
N LYS B 190 28.83 10.99 42.22
CA LYS B 190 28.86 11.96 41.14
C LYS B 190 27.52 12.63 40.91
N VAL B 191 26.53 12.38 41.76
CA VAL B 191 25.21 12.99 41.64
C VAL B 191 24.82 13.68 42.95
N ASN B 192 23.86 14.59 42.85
CA ASN B 192 23.29 15.27 44.00
C ASN B 192 21.80 14.97 44.07
N ILE B 193 21.34 14.63 45.28
CA ILE B 193 19.95 14.21 45.50
C ILE B 193 19.20 15.32 46.22
N GLN B 194 17.99 15.60 45.76
CA GLN B 194 17.04 16.45 46.46
C GLN B 194 15.71 15.72 46.57
N ILE B 195 15.12 15.69 47.76
CA ILE B 195 13.87 14.98 48.02
C ILE B 195 12.84 16.00 48.47
N ALA B 196 11.79 16.18 47.67
CA ALA B 196 10.73 17.13 47.93
C ALA B 196 9.38 16.42 47.93
N ASP B 197 8.98 15.93 49.11
CA ASP B 197 7.67 15.35 49.33
C ASP B 197 7.36 14.26 48.30
N GLY B 198 8.09 13.16 48.43
CA GLY B 198 7.91 12.03 47.56
C GLY B 198 8.49 12.19 46.18
N LYS B 199 9.04 13.35 45.85
CA LYS B 199 9.71 13.57 44.58
C LYS B 199 11.21 13.71 44.81
N ALA B 200 11.99 12.88 44.14
CA ALA B 200 13.44 12.98 44.13
C ALA B 200 13.90 13.64 42.84
N THR B 201 14.87 14.54 42.96
CA THR B 201 15.53 15.16 41.83
C THR B 201 17.00 14.76 41.85
N VAL B 202 17.49 14.19 40.76
CA VAL B 202 18.86 13.71 40.66
C VAL B 202 19.57 14.53 39.60
N THR B 203 20.64 15.21 40.00
CA THR B 203 21.39 16.13 39.15
C THR B 203 22.84 15.65 39.10
N GLY B 204 23.41 15.61 37.89
CA GLY B 204 24.77 15.12 37.76
C GLY B 204 25.27 15.25 36.33
N ASP B 205 26.56 14.97 36.18
CA ASP B 205 27.30 15.27 34.96
C ASP B 205 28.22 14.13 34.62
N GLY B 206 28.26 13.77 33.34
CA GLY B 206 29.27 12.86 32.84
C GLY B 206 29.13 11.42 33.28
N LEU B 207 27.90 10.92 33.33
CA LEU B 207 27.69 9.50 33.61
C LEU B 207 27.34 8.76 32.32
N SER B 208 27.54 7.45 32.34
CA SER B 208 27.04 6.62 31.27
C SER B 208 25.51 6.54 31.38
N GLN B 209 24.88 6.20 30.26
CA GLN B 209 23.45 5.88 30.29
C GLN B 209 23.17 4.80 31.32
N GLU B 210 23.97 3.74 31.33
CA GLU B 210 23.76 2.64 32.25
C GLU B 210 23.94 3.08 33.70
N ALA B 211 25.00 3.83 34.01
CA ALA B 211 25.23 4.24 35.38
C ALA B 211 24.10 5.15 35.86
N LYS B 212 23.67 6.08 35.02
CA LYS B 212 22.53 6.94 35.33
C LYS B 212 21.29 6.14 35.69
N GLU B 213 20.90 5.21 34.80
CA GLU B 213 19.70 4.41 35.03
C GLU B 213 19.76 3.66 36.36
N LYS B 214 20.90 3.05 36.68
CA LYS B 214 20.99 2.35 37.96
C LYS B 214 20.77 3.30 39.13
N ILE B 215 21.27 4.53 39.02
CA ILE B 215 21.07 5.50 40.09
C ILE B 215 19.60 5.87 40.19
N LEU B 216 18.97 6.21 39.07
CA LEU B 216 17.58 6.62 39.09
C LEU B 216 16.70 5.53 39.71
N VAL B 217 16.90 4.28 39.29
CA VAL B 217 16.09 3.18 39.80
C VAL B 217 16.38 2.94 41.27
N ALA B 218 17.64 3.08 41.67
CA ALA B 218 17.99 2.89 43.08
C ALA B 218 17.40 3.97 43.97
N VAL B 219 17.22 5.18 43.44
CA VAL B 219 16.57 6.21 44.23
C VAL B 219 15.06 6.04 44.25
N GLY B 220 14.48 5.56 43.15
CA GLY B 220 13.04 5.34 43.10
C GLY B 220 12.57 4.16 43.93
N ASN B 221 13.42 3.14 44.07
CA ASN B 221 13.04 1.95 44.83
C ASN B 221 13.29 2.15 46.32
N ILE B 222 12.83 3.29 46.84
CA ILE B 222 12.87 3.59 48.26
C ILE B 222 11.45 3.90 48.71
N SER B 223 11.07 3.38 49.88
CA SER B 223 9.72 3.58 50.39
C SER B 223 9.50 5.06 50.67
N GLY B 224 8.50 5.63 50.02
CA GLY B 224 8.16 7.04 50.18
C GLY B 224 8.52 7.90 48.99
N ILE B 225 9.22 7.34 48.01
CA ILE B 225 9.58 8.06 46.79
C ILE B 225 8.60 7.63 45.71
N ALA B 226 7.87 8.60 45.16
CA ALA B 226 6.86 8.34 44.15
C ALA B 226 7.35 8.66 42.74
N SER B 227 8.34 9.53 42.60
CA SER B 227 8.82 9.93 41.29
C SER B 227 10.27 10.37 41.42
N VAL B 228 10.99 10.24 40.30
CA VAL B 228 12.39 10.68 40.20
C VAL B 228 12.50 11.60 39.00
N ASP B 229 13.04 12.79 39.23
CA ASP B 229 13.25 13.77 38.16
C ASP B 229 14.69 13.64 37.68
N ASP B 230 14.86 13.10 36.47
CA ASP B 230 16.17 12.82 35.90
C ASP B 230 16.75 14.12 35.38
N GLN B 231 17.59 14.76 36.18
CA GLN B 231 18.37 15.92 35.78
C GLN B 231 19.83 15.58 35.54
N VAL B 232 20.11 14.43 34.91
CA VAL B 232 21.47 13.93 34.76
C VAL B 232 21.84 13.96 33.29
N LYS B 233 22.94 14.62 32.97
CA LYS B 233 23.48 14.62 31.62
C LYS B 233 24.39 13.42 31.39
N THR B 234 24.10 12.65 30.33
CA THR B 234 24.99 11.62 29.81
C THR B 234 25.99 12.32 28.91
N ALA B 235 27.29 12.05 29.08
CA ALA B 235 28.25 12.54 28.10
C ALA B 235 27.85 12.27 26.65
N THR B 236 27.07 11.24 26.39
CA THR B 236 26.73 10.87 25.02
C THR B 236 25.35 10.21 25.01
N PRO B 237 24.36 10.80 24.35
CA PRO B 237 23.00 10.22 24.35
C PRO B 237 22.89 8.84 23.72
N ALA B 238 22.46 7.87 24.54
CA ALA B 238 22.45 6.46 24.21
C ALA B 238 21.08 5.90 24.60
N THR B 239 20.53 5.06 23.74
CA THR B 239 19.27 4.38 23.97
C THR B 239 19.04 3.91 25.40
N ALA B 240 17.89 4.30 25.94
CA ALA B 240 17.56 4.06 27.35
C ALA B 240 17.01 2.64 27.50
N SER B 241 17.00 2.14 28.74
CA SER B 241 16.33 0.89 28.98
C SER B 241 14.83 1.12 29.23
N GLN B 242 14.04 0.08 28.99
CA GLN B 242 12.70 0.01 29.57
C GLN B 242 12.80 -0.08 31.08
N PHE B 243 11.83 0.51 31.76
CA PHE B 243 11.68 0.36 33.21
C PHE B 243 10.43 -0.49 33.46
N TYR B 244 10.60 -1.62 34.16
CA TYR B 244 9.50 -2.54 34.43
C TYR B 244 9.16 -2.52 35.92
N THR B 245 7.87 -2.43 36.23
CA THR B 245 7.40 -2.52 37.61
C THR B 245 7.03 -3.96 37.91
N VAL B 246 7.68 -4.54 38.94
CA VAL B 246 7.43 -5.94 39.27
C VAL B 246 6.01 -6.07 39.79
N LYS B 247 5.33 -7.11 39.33
CA LYS B 247 3.96 -7.34 39.75
C LYS B 247 3.79 -8.60 40.58
N SER B 248 2.72 -8.61 41.39
CA SER B 248 2.51 -9.68 42.35
C SER B 248 2.75 -11.02 41.67
N GLY B 249 3.45 -11.91 42.34
CA GLY B 249 3.84 -13.21 41.80
C GLY B 249 4.88 -13.27 40.70
N ASP B 250 5.60 -12.18 40.41
CA ASP B 250 6.43 -12.18 39.22
C ASP B 250 7.65 -13.06 39.50
N THR B 251 8.24 -13.61 38.45
CA THR B 251 9.62 -14.08 38.55
C THR B 251 10.43 -13.45 37.43
N LEU B 252 11.74 -13.36 37.63
CA LEU B 252 12.60 -12.83 36.57
C LEU B 252 12.44 -13.64 35.29
N SER B 253 12.28 -14.95 35.43
CA SER B 253 12.07 -15.81 34.26
C SER B 253 10.80 -15.42 33.52
N ALA B 254 9.70 -15.24 34.27
CA ALA B 254 8.44 -14.89 33.65
C ALA B 254 8.46 -13.48 33.07
N ILE B 255 9.13 -12.55 33.74
CA ILE B 255 9.29 -11.21 33.20
C ILE B 255 10.07 -11.27 31.89
N SER B 256 11.19 -11.99 31.89
CA SER B 256 11.99 -12.14 30.68
C SER B 256 11.15 -12.71 29.54
N LYS B 257 10.35 -13.74 29.83
CA LYS B 257 9.53 -14.33 28.77
C LYS B 257 8.64 -13.27 28.14
N GLN B 258 8.10 -12.36 28.95
CA GLN B 258 7.21 -11.33 28.44
C GLN B 258 7.97 -10.23 27.70
N VAL B 259 9.01 -9.68 28.32
CA VAL B 259 9.62 -8.49 27.75
C VAL B 259 10.54 -8.83 26.58
N TYR B 260 11.14 -10.03 26.58
CA TYR B 260 12.05 -10.43 25.52
C TYR B 260 11.50 -11.52 24.62
N GLY B 261 10.63 -12.38 25.14
CA GLY B 261 10.09 -13.50 24.40
C GLY B 261 10.52 -14.86 24.90
N ASN B 262 11.51 -14.93 25.79
CA ASN B 262 11.97 -16.20 26.32
C ASN B 262 12.51 -16.00 27.73
N ALA B 263 12.16 -16.93 28.62
CA ALA B 263 12.67 -16.91 29.98
C ALA B 263 14.18 -17.05 30.03
N ASN B 264 14.81 -17.54 28.97
CA ASN B 264 16.25 -17.82 29.01
C ASN B 264 17.11 -16.57 28.98
N LEU B 265 16.52 -15.37 28.91
CA LEU B 265 17.26 -14.13 29.09
C LEU B 265 17.06 -13.53 30.47
N TYR B 266 16.65 -14.31 31.47
CA TYR B 266 16.32 -13.70 32.76
C TYR B 266 17.57 -13.14 33.44
N ASN B 267 18.74 -13.77 33.25
CA ASN B 267 19.95 -13.28 33.88
C ASN B 267 20.37 -11.92 33.31
N LYS B 268 19.98 -11.62 32.08
CA LYS B 268 20.20 -10.29 31.51
C LYS B 268 19.56 -9.22 32.36
N ILE B 269 18.34 -9.47 32.84
CA ILE B 269 17.67 -8.53 33.73
C ILE B 269 18.37 -8.48 35.08
N PHE B 270 18.78 -9.64 35.61
CA PHE B 270 19.40 -9.69 36.93
C PHE B 270 20.69 -8.88 36.93
N GLU B 271 21.58 -9.15 35.97
CA GLU B 271 22.86 -8.46 35.94
C GLU B 271 22.67 -6.96 35.78
N ALA B 272 21.69 -6.54 34.97
CA ALA B 272 21.47 -5.13 34.70
C ALA B 272 20.98 -4.36 35.92
N ASN B 273 20.53 -5.07 36.98
CA ASN B 273 20.05 -4.43 38.18
C ASN B 273 20.94 -4.67 39.39
N LYS B 274 22.10 -5.29 39.20
CA LYS B 274 23.12 -5.30 40.22
C LYS B 274 23.76 -3.91 40.31
N PRO B 275 24.24 -3.50 41.50
CA PRO B 275 24.24 -4.25 42.76
C PRO B 275 22.97 -4.06 43.58
N MET B 276 22.04 -3.21 43.11
CA MET B 276 20.81 -2.99 43.86
C MET B 276 20.09 -4.30 44.14
N LEU B 277 20.04 -5.19 43.15
CA LEU B 277 19.36 -6.47 43.27
C LEU B 277 20.42 -7.52 43.55
N LYS B 278 20.31 -8.20 44.68
CA LYS B 278 21.36 -9.13 45.11
C LYS B 278 21.16 -10.55 44.60
N SER B 279 19.94 -10.93 44.24
CA SER B 279 19.72 -12.24 43.65
C SER B 279 18.34 -12.26 43.02
N PRO B 280 18.09 -13.25 42.14
CA PRO B 280 16.81 -13.24 41.41
C PRO B 280 15.60 -13.34 42.31
N ASP B 281 15.74 -13.96 43.47
CA ASP B 281 14.61 -14.19 44.35
C ASP B 281 14.27 -12.99 45.22
N LYS B 282 15.02 -11.89 45.12
CA LYS B 282 14.79 -10.73 45.96
C LYS B 282 14.00 -9.62 45.26
N ILE B 283 13.42 -9.89 44.09
CA ILE B 283 12.48 -8.94 43.52
C ILE B 283 11.22 -8.91 44.38
N TYR B 284 10.47 -7.81 44.27
CA TYR B 284 9.32 -7.60 45.15
C TYR B 284 8.31 -6.71 44.44
N PRO B 285 7.03 -6.81 44.80
CA PRO B 285 6.01 -6.06 44.07
C PRO B 285 6.23 -4.56 44.22
N GLY B 286 6.11 -3.84 43.11
CA GLY B 286 6.35 -2.42 43.09
C GLY B 286 7.77 -2.01 42.79
N GLN B 287 8.71 -2.95 42.81
CA GLN B 287 10.08 -2.66 42.46
C GLN B 287 10.18 -2.34 40.97
N VAL B 288 10.92 -1.30 40.64
CA VAL B 288 11.22 -0.99 39.24
C VAL B 288 12.55 -1.65 38.90
N LEU B 289 12.58 -2.32 37.75
CA LEU B 289 13.81 -2.91 37.24
C LEU B 289 14.15 -2.34 35.87
N ARG B 290 15.45 -2.16 35.64
CA ARG B 290 15.95 -1.89 34.30
C ARG B 290 15.79 -3.13 33.42
N ILE B 291 15.23 -2.94 32.23
CA ILE B 291 15.14 -4.01 31.23
C ILE B 291 16.05 -3.59 30.10
N PRO B 292 17.30 -4.06 30.04
CA PRO B 292 18.21 -3.59 29.00
C PRO B 292 17.75 -4.04 27.62
N GLU B 293 18.00 -3.20 26.63
CA GLU B 293 17.58 -3.52 25.27
C GLU B 293 18.21 -4.84 24.82
N GLU B 294 17.40 -5.67 24.17
CA GLU B 294 17.92 -6.78 23.38
C GLU B 294 18.17 -6.21 21.99
N LEU B 295 19.43 -6.05 21.63
CA LEU B 295 19.78 -5.32 20.42
C LEU B 295 19.43 -6.11 19.17
N GLU B 296 18.99 -5.39 18.14
CA GLU B 296 18.76 -5.94 16.82
C GLU B 296 19.55 -5.12 15.82
N ASN B 297 20.23 -5.81 14.90
CA ASN B 297 21.00 -5.15 13.87
C ASN B 297 20.27 -5.27 12.54
N VAL B 298 20.71 -4.47 11.57
CA VAL B 298 20.21 -4.54 10.20
C VAL B 298 21.30 -5.22 9.38
N TYR B 299 20.97 -6.37 8.80
CA TYR B 299 21.94 -7.15 8.06
C TYR B 299 21.75 -6.97 6.56
N ILE B 300 22.82 -6.54 5.90
CA ILE B 300 22.79 -6.19 4.48
C ILE B 300 23.67 -7.17 3.71
N LYS B 301 23.20 -7.58 2.54
CA LYS B 301 23.97 -8.40 1.62
C LYS B 301 23.74 -7.92 0.20
N ALA B 302 24.71 -8.21 -0.67
CA ALA B 302 24.59 -7.90 -2.09
C ALA B 302 23.58 -8.82 -2.78
N ASP B 303 23.04 -8.31 -3.89
CA ASP B 303 22.16 -9.04 -4.82
C ASP B 303 22.68 -8.75 -6.22
N LYS B 304 23.64 -9.54 -6.71
CA LYS B 304 24.30 -9.17 -7.96
C LYS B 304 23.34 -9.22 -9.15
N GLN B 305 22.62 -10.33 -9.31
CA GLN B 305 21.67 -10.49 -10.43
C GLN B 305 20.49 -9.53 -10.37
N LYS B 306 20.52 -8.54 -9.47
CA LYS B 306 19.56 -7.44 -9.50
C LYS B 306 20.26 -6.08 -9.45
N ASN B 307 21.58 -6.04 -9.29
CA ASN B 307 22.34 -4.79 -9.28
C ASN B 307 22.07 -3.94 -8.04
N GLY B 308 21.78 -4.56 -6.90
CA GLY B 308 21.40 -3.83 -5.71
C GLY B 308 21.82 -4.53 -4.46
N ILE B 309 20.94 -4.55 -3.46
CA ILE B 309 21.25 -5.17 -2.18
C ILE B 309 19.99 -5.79 -1.61
N LYS B 310 20.18 -6.68 -0.64
CA LYS B 310 19.12 -7.25 0.17
C LYS B 310 19.43 -6.96 1.63
N ALA B 311 18.39 -6.90 2.46
CA ALA B 311 18.59 -6.80 3.89
C ALA B 311 17.51 -7.59 4.61
N ASN B 312 17.84 -8.04 5.82
CA ASN B 312 16.87 -8.69 6.69
C ASN B 312 17.19 -8.29 8.12
N PHE B 313 16.13 -8.07 8.89
CA PHE B 313 16.28 -7.70 10.30
C PHE B 313 14.90 -7.82 10.92
N LYS B 314 14.86 -7.70 12.24
CA LYS B 314 13.59 -7.66 12.95
C LYS B 314 13.61 -6.51 13.94
N ILE B 315 12.41 -5.98 14.20
CA ILE B 315 12.20 -4.87 15.12
C ILE B 315 11.39 -5.40 16.29
N ARG B 316 11.76 -4.98 17.49
CA ARG B 316 11.01 -5.29 18.71
C ARG B 316 10.21 -4.07 19.09
N HIS B 317 8.87 -4.17 18.99
CA HIS B 317 7.96 -3.11 19.41
C HIS B 317 7.36 -3.48 20.76
N ASN B 318 7.60 -2.66 21.77
CA ASN B 318 7.04 -2.93 23.08
C ASN B 318 5.53 -2.75 23.11
N ILE B 319 4.83 -3.68 23.73
CA ILE B 319 3.40 -3.57 23.96
C ILE B 319 3.19 -2.85 25.27
N GLU B 320 2.16 -2.00 25.31
CA GLU B 320 2.06 -1.06 26.43
C GLU B 320 1.93 -1.77 27.74
N ASP B 321 1.02 -2.74 27.83
CA ASP B 321 0.78 -3.41 29.11
C ASP B 321 1.60 -4.69 29.25
N GLY B 322 2.75 -4.78 28.60
CA GLY B 322 3.65 -5.91 28.76
C GLY B 322 3.72 -6.73 27.48
N GLY B 323 4.94 -6.97 27.03
CA GLY B 323 5.24 -7.90 25.97
C GLY B 323 5.96 -7.20 24.83
N VAL B 324 6.26 -7.99 23.80
CA VAL B 324 7.03 -7.50 22.65
C VAL B 324 6.32 -7.99 21.40
N GLN B 325 6.11 -7.08 20.45
CA GLN B 325 5.60 -7.41 19.13
C GLN B 325 6.76 -7.40 18.15
N LEU B 326 7.07 -8.56 17.58
CA LEU B 326 8.15 -8.63 16.61
C LEU B 326 7.65 -8.24 15.22
N ALA B 327 8.51 -7.57 14.47
CA ALA B 327 8.24 -7.18 13.08
C ALA B 327 9.41 -7.66 12.24
N TYR B 328 9.20 -8.72 11.47
CA TYR B 328 10.28 -9.26 10.63
C TYR B 328 10.33 -8.49 9.33
N HIS B 329 11.52 -8.01 8.98
CA HIS B 329 11.71 -7.14 7.82
C HIS B 329 12.52 -7.86 6.77
N TYR B 330 12.08 -7.80 5.52
CA TYR B 330 12.83 -8.29 4.39
C TYR B 330 12.84 -7.21 3.32
N GLN B 331 14.01 -6.90 2.80
CA GLN B 331 14.21 -5.70 2.03
C GLN B 331 15.02 -5.98 0.77
N GLN B 332 14.65 -5.30 -0.31
CA GLN B 332 15.41 -5.33 -1.54
C GLN B 332 15.52 -3.91 -2.07
N ASN B 333 16.73 -3.49 -2.47
CA ASN B 333 16.95 -2.17 -3.04
C ASN B 333 17.54 -2.33 -4.44
N THR B 334 16.96 -1.62 -5.41
CA THR B 334 17.46 -1.64 -6.78
C THR B 334 17.66 -0.23 -7.29
N PRO B 335 18.78 0.07 -7.93
CA PRO B 335 19.02 1.44 -8.42
C PRO B 335 18.03 1.87 -9.48
N ILE B 336 17.74 3.17 -9.49
CA ILE B 336 16.87 3.75 -10.52
C ILE B 336 17.67 4.07 -11.77
N GLY B 337 18.87 4.64 -11.59
CA GLY B 337 19.75 4.92 -12.70
C GLY B 337 20.47 3.71 -13.24
N ASP B 338 21.06 3.90 -14.42
CA ASP B 338 21.82 2.86 -15.10
C ASP B 338 23.33 3.00 -14.86
N GLY B 339 23.78 4.03 -14.15
CA GLY B 339 25.17 4.11 -13.81
C GLY B 339 25.60 3.02 -12.85
N PRO B 340 26.87 2.62 -12.91
CA PRO B 340 27.36 1.57 -12.00
C PRO B 340 27.17 1.93 -10.53
N VAL B 341 26.94 0.91 -9.71
CA VAL B 341 26.69 1.09 -8.28
C VAL B 341 27.62 0.15 -7.50
N LEU B 342 27.79 0.46 -6.23
CA LEU B 342 28.60 -0.39 -5.35
C LEU B 342 27.74 -1.51 -4.77
N LEU B 343 28.21 -2.75 -4.93
CA LEU B 343 27.53 -3.92 -4.38
C LEU B 343 28.32 -4.46 -3.20
N PRO B 344 27.85 -4.29 -1.97
CA PRO B 344 28.73 -4.43 -0.80
C PRO B 344 28.97 -5.89 -0.41
N ASP B 345 29.98 -6.06 0.43
CA ASP B 345 30.13 -7.31 1.16
C ASP B 345 29.04 -7.37 2.23
N ASN B 346 28.90 -8.53 2.87
CA ASN B 346 27.98 -8.64 3.99
C ASN B 346 28.43 -7.71 5.12
N HIS B 347 27.48 -6.97 5.69
CA HIS B 347 27.75 -6.10 6.82
C HIS B 347 26.43 -5.82 7.53
N TYR B 348 26.48 -5.00 8.57
CA TYR B 348 25.27 -4.61 9.28
C TYR B 348 25.28 -3.14 9.65
N LEU B 349 24.09 -2.62 9.88
CA LEU B 349 23.87 -1.28 10.39
C LEU B 349 23.33 -1.36 11.81
N SER B 350 23.80 -0.44 12.66
CA SER B 350 23.36 -0.33 14.04
C SER B 350 22.57 0.96 14.21
N VAL B 351 21.33 0.83 14.70
CA VAL B 351 20.34 1.90 14.69
C VAL B 351 19.96 2.21 16.12
N GLN B 352 20.06 3.48 16.49
CA GLN B 352 19.50 4.02 17.72
C GLN B 352 18.47 5.07 17.39
N SER B 353 17.28 4.93 17.95
CA SER B 353 16.14 5.75 17.59
C SER B 353 15.44 6.26 18.84
N LYS B 354 14.93 7.50 18.75
CA LYS B 354 14.19 8.11 19.85
C LYS B 354 12.98 8.81 19.29
N LEU B 355 11.80 8.45 19.79
CA LEU B 355 10.55 9.06 19.38
C LEU B 355 10.08 10.02 20.45
N SER B 356 9.59 11.19 20.05
CA SER B 356 9.15 12.20 21.00
C SER B 356 7.97 12.95 20.41
N LYS B 357 7.42 13.86 21.21
CA LYS B 357 6.26 14.64 20.82
C LYS B 357 6.56 16.13 20.98
N ASP B 358 6.01 16.92 20.07
CA ASP B 358 5.95 18.38 20.22
C ASP B 358 4.72 18.75 21.05
N PRO B 359 4.89 19.34 22.24
CA PRO B 359 3.70 19.64 23.04
C PRO B 359 2.81 20.71 22.41
N ASN B 360 3.39 21.62 21.63
CA ASN B 360 2.61 22.67 20.97
C ASN B 360 2.01 22.22 19.65
N GLU B 361 2.49 21.12 19.08
CA GLU B 361 1.82 20.52 17.92
C GLU B 361 0.50 19.92 18.34
N LYS B 362 -0.51 20.03 17.48
CA LYS B 362 -1.85 19.54 17.77
C LYS B 362 -2.31 18.44 16.83
N ARG B 363 -1.67 18.26 15.67
CA ARG B 363 -2.00 17.16 14.78
C ARG B 363 -1.29 15.88 15.23
N ASP B 364 -1.77 14.76 14.73
CA ASP B 364 -1.14 13.47 14.99
C ASP B 364 0.22 13.43 14.30
N HIS B 365 1.28 13.24 15.08
CA HIS B 365 2.62 13.47 14.55
C HIS B 365 3.62 12.53 15.22
N MET B 366 4.87 12.63 14.77
CA MET B 366 5.99 11.90 15.36
C MET B 366 7.25 12.73 15.13
N VAL B 367 7.94 13.06 16.21
CA VAL B 367 9.29 13.62 16.13
C VAL B 367 10.29 12.50 16.27
N LEU B 368 11.27 12.46 15.38
CA LEU B 368 12.18 11.32 15.29
C LEU B 368 13.63 11.80 15.28
N LEU B 369 14.44 11.18 16.13
CA LEU B 369 15.88 11.36 16.18
C LEU B 369 16.51 9.99 15.97
N GLU B 370 17.47 9.90 15.05
CA GLU B 370 17.99 8.59 14.68
C GLU B 370 19.47 8.69 14.34
N PHE B 371 20.23 7.70 14.80
CA PHE B 371 21.65 7.55 14.51
C PHE B 371 21.88 6.17 13.93
N VAL B 372 22.64 6.08 12.84
CA VAL B 372 22.86 4.82 12.16
C VAL B 372 24.33 4.72 11.76
N THR B 373 24.93 3.56 12.03
CA THR B 373 26.32 3.30 11.69
C THR B 373 26.48 1.92 11.06
N ALA B 374 27.36 1.80 10.07
CA ALA B 374 27.67 0.53 9.44
C ALA B 374 28.89 -0.09 10.11
N ALA B 375 28.96 -1.40 9.97
CA ALA B 375 30.03 -2.21 10.49
C ALA B 375 30.10 -3.60 9.87
N GLY B 376 31.27 -4.24 10.02
CA GLY B 376 31.55 -5.53 9.42
C GLY B 376 30.99 -6.57 10.28
N ILE B 377 30.59 -7.70 9.74
CA ILE B 377 30.02 -8.77 10.53
C ILE B 377 31.04 -9.28 11.54
N THR B 378 30.68 -9.43 12.79
CA THR B 378 31.61 -9.80 13.81
C THR B 378 31.74 -11.31 13.95
N LEU B 379 32.70 -11.73 14.72
CA LEU B 379 32.93 -13.16 14.93
C LEU B 379 31.72 -13.83 15.59
N GLY B 380 31.10 -13.16 16.56
CA GLY B 380 30.02 -13.77 17.32
C GLY B 380 28.71 -13.86 16.56
N MET B 381 28.56 -13.12 15.46
CA MET B 381 27.32 -13.13 14.70
C MET B 381 27.20 -14.41 13.88
K K C . 4.28 6.72 -36.27
K K D . 9.13 3.74 45.84
#